data_4CDK
#
_entry.id   4CDK
#
_cell.length_a   51.700
_cell.length_b   80.160
_cell.length_c   82.980
_cell.angle_alpha   66.27
_cell.angle_beta   81.36
_cell.angle_gamma   80.66
#
_symmetry.space_group_name_H-M   'P 1'
#
loop_
_entity.id
_entity.type
_entity.pdbx_description
1 polymer 'E3 UBIQUITIN-PROTEIN LIGASE ZNRF3'
2 polymer R-SPONDIN-1
3 water water
#
loop_
_entity_poly.entity_id
_entity_poly.type
_entity_poly.pdbx_seq_one_letter_code
_entity_poly.pdbx_strand_id
1 'polypeptide(L)'
;GSKETAFVEVVLFESSPSGDYTTHTTGLTGRFSRAGAMLSAEGEIVQMHPLGLCNNNDEEDLYEYGWVGVVKLEQPELDP
KPCLTVLGKAKRAVQRGATAVIFDVSENPEAIDQLNQGSEDPLKRPVVYVKGADAIKLMNIVNKQKVARARIQHLAAAHH
HHHH
;
A,B,C,D
2 'polypeptide(L)'
;GSRISAEGSQACAKGCELCSEVNGCLKCSPKLFILLERNDIRQVGVCLPSCPPGYFDARNPDMNKCIKCKIEHCEACFSH
NFCTKCKEGLYLHKGRCYPACPEGSSAANGTMECSSPAAAHHHHHH
;
E,F,G,H
#
# COMPACT_ATOMS: atom_id res chain seq x y z
N GLU A 4 23.58 -10.14 15.02
CA GLU A 4 23.64 -9.87 13.58
C GLU A 4 22.23 -9.85 13.00
N THR A 5 21.45 -8.82 13.35
CA THR A 5 20.02 -8.84 13.04
C THR A 5 19.70 -8.40 11.62
N ALA A 6 18.79 -9.14 10.99
CA ALA A 6 18.37 -8.87 9.62
C ALA A 6 16.92 -8.46 9.65
N PHE A 7 16.59 -7.32 9.07
CA PHE A 7 15.19 -6.94 9.02
C PHE A 7 14.61 -7.32 7.67
N VAL A 8 13.55 -8.11 7.72
CA VAL A 8 12.94 -8.59 6.50
C VAL A 8 11.58 -7.97 6.29
N GLU A 9 11.45 -7.25 5.18
CA GLU A 9 10.19 -6.66 4.80
C GLU A 9 9.58 -7.45 3.67
N VAL A 10 8.34 -7.90 3.87
CA VAL A 10 7.66 -8.60 2.80
C VAL A 10 6.67 -7.64 2.16
N VAL A 11 6.82 -7.46 0.86
CA VAL A 11 6.02 -6.51 0.09
C VAL A 11 5.03 -7.20 -0.84
N LEU A 12 3.76 -6.87 -0.67
CA LEU A 12 2.71 -7.30 -1.59
C LEU A 12 2.28 -6.10 -2.40
N PHE A 13 2.19 -6.25 -3.72
CA PHE A 13 1.88 -5.09 -4.55
C PHE A 13 0.75 -5.38 -5.52
N GLU A 14 -0.06 -4.35 -5.77
CA GLU A 14 -1.16 -4.42 -6.69
C GLU A 14 -1.15 -3.22 -7.62
N SER A 15 -1.46 -3.47 -8.90
CA SER A 15 -1.49 -2.42 -9.90
C SER A 15 -2.90 -1.92 -10.14
N SER A 16 -3.05 -0.61 -10.25
CA SER A 16 -4.33 -0.01 -10.60
C SER A 16 -4.40 0.15 -12.11
N PRO A 17 -5.61 0.38 -12.67
CA PRO A 17 -5.75 0.65 -14.10
C PRO A 17 -4.90 1.83 -14.57
N SER A 18 -4.94 2.92 -13.81
CA SER A 18 -4.13 4.11 -14.08
C SER A 18 -2.65 3.78 -14.33
N GLY A 19 -2.08 2.92 -13.50
CA GLY A 19 -0.70 2.51 -13.65
C GLY A 19 0.12 2.70 -12.38
N ASP A 20 -0.52 3.21 -11.34
CA ASP A 20 0.14 3.36 -10.05
C ASP A 20 0.12 2.06 -9.24
N TYR A 21 1.17 1.84 -8.46
CA TYR A 21 1.23 0.67 -7.59
C TYR A 21 0.83 0.99 -6.16
N THR A 22 -0.05 0.15 -5.64
CA THR A 22 -0.37 0.12 -4.22
C THR A 22 0.43 -0.98 -3.54
N THR A 23 1.09 -0.69 -2.43
CA THR A 23 1.84 -1.73 -1.75
C THR A 23 1.35 -1.94 -0.32
N HIS A 24 1.68 -3.10 0.23
CA HIS A 24 1.35 -3.45 1.60
C HIS A 24 2.52 -4.24 2.13
N THR A 25 3.16 -3.73 3.18
CA THR A 25 4.39 -4.32 3.67
C THR A 25 4.27 -4.77 5.13
N THR A 26 4.90 -5.91 5.44
CA THR A 26 4.95 -6.37 6.83
C THR A 26 6.39 -6.66 7.21
N GLY A 27 6.73 -6.42 8.46
CA GLY A 27 8.09 -6.63 8.91
C GLY A 27 8.23 -7.87 9.78
N LEU A 28 9.42 -8.47 9.72
CA LEU A 28 9.76 -9.58 10.59
C LEU A 28 11.28 -9.59 10.70
N THR A 29 11.82 -10.34 11.64
CA THR A 29 13.27 -10.27 11.88
C THR A 29 13.93 -11.64 11.83
N GLY A 30 15.20 -11.65 11.42
CA GLY A 30 15.99 -12.85 11.43
C GLY A 30 17.42 -12.46 11.76
N ARG A 31 18.37 -13.31 11.39
CA ARG A 31 19.77 -13.03 11.67
C ARG A 31 20.59 -13.30 10.42
N PHE A 32 21.64 -12.50 10.21
CA PHE A 32 22.57 -12.79 9.14
C PHE A 32 23.47 -13.95 9.55
N SER A 33 23.65 -14.90 8.65
CA SER A 33 24.54 -16.03 8.87
C SER A 33 25.91 -15.80 8.25
N ARG A 34 26.93 -16.45 8.80
CA ARG A 34 28.29 -16.32 8.27
C ARG A 34 28.48 -17.04 6.95
N ALA A 35 27.47 -17.78 6.52
CA ALA A 35 27.54 -18.49 5.25
C ALA A 35 27.62 -17.49 4.11
N GLY A 36 27.05 -16.31 4.33
CA GLY A 36 27.00 -15.29 3.30
C GLY A 36 27.44 -13.94 3.79
N ALA A 37 27.61 -13.01 2.85
CA ALA A 37 27.92 -11.63 3.19
C ALA A 37 26.82 -11.03 4.07
N MET A 38 27.18 -10.04 4.88
CA MET A 38 26.19 -9.31 5.65
C MET A 38 25.84 -8.02 4.93
N LEU A 39 25.02 -8.17 3.88
CA LEU A 39 24.66 -7.06 3.01
C LEU A 39 23.15 -6.98 2.88
N SER A 40 22.66 -5.84 2.44
CA SER A 40 21.25 -5.69 2.12
C SER A 40 20.90 -6.36 0.80
N ALA A 41 19.64 -6.73 0.63
CA ALA A 41 19.19 -7.40 -0.60
C ALA A 41 17.69 -7.26 -0.82
N GLU A 42 17.29 -7.17 -2.07
CA GLU A 42 15.88 -7.05 -2.43
C GLU A 42 15.57 -7.90 -3.67
N GLY A 43 14.39 -8.50 -3.69
CA GLY A 43 14.07 -9.38 -4.81
C GLY A 43 12.79 -10.17 -4.66
N GLU A 44 12.27 -10.61 -5.81
CA GLU A 44 11.10 -11.48 -5.87
C GLU A 44 11.26 -12.73 -5.01
N ILE A 45 10.27 -13.00 -4.16
CA ILE A 45 10.33 -14.19 -3.31
C ILE A 45 10.07 -15.47 -4.09
N VAL A 46 10.95 -16.46 -3.92
CA VAL A 46 10.75 -17.76 -4.53
C VAL A 46 10.97 -18.84 -3.48
N GLN A 47 9.91 -19.56 -3.12
CA GLN A 47 10.03 -20.66 -2.17
C GLN A 47 10.65 -21.86 -2.87
N MET A 48 11.62 -22.49 -2.20
CA MET A 48 12.28 -23.65 -2.77
C MET A 48 12.03 -24.88 -1.92
N HIS A 49 11.57 -25.94 -2.56
CA HIS A 49 11.41 -27.23 -1.92
C HIS A 49 12.80 -27.77 -1.61
N PRO A 50 12.97 -28.48 -0.48
CA PRO A 50 14.26 -29.09 -0.14
C PRO A 50 14.92 -29.82 -1.32
N LEU A 51 14.14 -30.63 -2.02
CA LEU A 51 14.61 -31.33 -3.21
C LEU A 51 14.81 -30.40 -4.41
N GLY A 52 14.34 -29.16 -4.29
CA GLY A 52 14.40 -28.21 -5.37
C GLY A 52 15.77 -27.68 -5.74
N LEU A 53 16.74 -27.84 -4.85
CA LEU A 53 18.10 -27.38 -5.11
C LEU A 53 19.05 -28.53 -5.37
N CYS A 54 18.48 -29.70 -5.65
CA CYS A 54 19.27 -30.91 -5.87
C CYS A 54 19.73 -31.07 -7.32
N ASN A 55 20.53 -32.10 -7.55
CA ASN A 55 21.08 -32.40 -8.88
C ASN A 55 20.02 -32.62 -9.95
N ASN A 56 20.18 -31.93 -11.07
CA ASN A 56 19.35 -32.05 -12.28
C ASN A 56 17.99 -31.38 -12.07
N ASN A 57 17.44 -31.41 -10.85
CA ASN A 57 16.23 -30.65 -10.59
C ASN A 57 16.48 -29.16 -10.64
N ASP A 58 17.66 -28.74 -10.18
CA ASP A 58 18.09 -27.35 -10.30
C ASP A 58 17.69 -26.68 -11.61
N GLU A 59 18.02 -27.32 -12.73
CA GLU A 59 17.67 -26.78 -14.04
C GLU A 59 16.20 -27.05 -14.41
N GLU A 60 15.31 -26.97 -13.43
CA GLU A 60 13.90 -27.25 -13.64
C GLU A 60 13.33 -26.08 -14.44
N ASP A 61 13.51 -24.90 -13.87
CA ASP A 61 13.07 -23.63 -14.43
C ASP A 61 14.15 -22.56 -14.29
N LEU A 62 14.01 -21.50 -15.08
CA LEU A 62 14.93 -20.37 -15.03
C LEU A 62 14.18 -19.14 -14.50
N TYR A 63 14.81 -18.44 -13.57
CA TYR A 63 14.24 -17.22 -13.01
C TYR A 63 15.08 -16.06 -13.49
N GLU A 64 14.48 -14.87 -13.52
CA GLU A 64 15.26 -13.69 -13.78
C GLU A 64 16.19 -13.45 -12.59
N TYR A 65 17.43 -13.10 -12.87
CA TYR A 65 18.44 -12.84 -11.85
C TYR A 65 17.94 -11.92 -10.74
N GLY A 66 18.29 -12.25 -9.49
CA GLY A 66 18.01 -11.37 -8.38
C GLY A 66 16.79 -11.75 -7.57
N TRP A 67 16.51 -13.05 -7.48
CA TRP A 67 15.39 -13.52 -6.66
C TRP A 67 15.84 -13.84 -5.23
N VAL A 68 14.89 -13.80 -4.29
CA VAL A 68 15.18 -14.15 -2.91
C VAL A 68 14.64 -15.54 -2.59
N GLY A 69 15.55 -16.50 -2.48
CA GLY A 69 15.18 -17.86 -2.13
C GLY A 69 14.66 -17.99 -0.71
N VAL A 70 13.56 -18.72 -0.54
CA VAL A 70 13.04 -19.01 0.78
C VAL A 70 12.87 -20.51 0.95
N VAL A 71 13.48 -21.06 1.99
CA VAL A 71 13.49 -22.49 2.19
C VAL A 71 13.05 -22.86 3.59
N LYS A 72 11.99 -23.66 3.68
CA LYS A 72 11.53 -24.18 4.96
C LYS A 72 12.16 -25.54 5.21
N LEU A 73 13.07 -25.60 6.17
CA LEU A 73 13.78 -26.83 6.48
C LEU A 73 12.91 -27.80 7.29
N GLU A 74 13.02 -29.08 6.97
CA GLU A 74 12.26 -30.10 7.69
C GLU A 74 13.09 -30.67 8.83
N GLN A 75 12.43 -31.35 9.76
CA GLN A 75 13.14 -32.01 10.86
C GLN A 75 14.11 -33.04 10.29
N PRO A 76 15.32 -33.11 10.86
CA PRO A 76 16.43 -33.89 10.29
C PRO A 76 16.12 -35.37 10.08
N GLU A 77 15.21 -35.95 10.84
CA GLU A 77 14.82 -37.35 10.64
C GLU A 77 14.03 -37.50 9.34
N LEU A 78 13.25 -36.47 8.99
CA LEU A 78 12.48 -36.48 7.75
C LEU A 78 13.40 -36.34 6.54
N ASP A 79 14.65 -35.95 6.78
CA ASP A 79 15.64 -35.85 5.72
C ASP A 79 16.95 -36.54 6.12
N PRO A 80 16.95 -37.89 6.14
CA PRO A 80 18.12 -38.67 6.54
C PRO A 80 19.20 -38.70 5.46
N LYS A 81 18.76 -38.52 4.21
CA LYS A 81 19.65 -38.52 3.04
C LYS A 81 19.57 -37.20 2.27
N PRO A 82 20.14 -36.13 2.85
CA PRO A 82 20.09 -34.84 2.16
C PRO A 82 20.98 -34.87 0.93
N CYS A 83 20.47 -34.35 -0.17
CA CYS A 83 21.25 -34.26 -1.41
C CYS A 83 22.37 -33.27 -1.22
N LEU A 84 22.10 -32.25 -0.42
CA LEU A 84 23.05 -31.19 -0.15
C LEU A 84 23.03 -30.76 1.31
N THR A 85 24.16 -30.24 1.75
CA THR A 85 24.24 -29.59 3.04
C THR A 85 23.46 -28.28 2.93
N VAL A 86 23.14 -27.66 4.06
CA VAL A 86 22.44 -26.38 4.03
C VAL A 86 23.29 -25.33 3.30
N LEU A 87 24.60 -25.37 3.56
CA LEU A 87 25.54 -24.48 2.91
C LEU A 87 25.53 -24.76 1.41
N GLY A 88 25.52 -26.05 1.06
CA GLY A 88 25.42 -26.47 -0.33
C GLY A 88 24.19 -25.92 -1.01
N LYS A 89 23.06 -25.90 -0.28
CA LYS A 89 21.81 -25.37 -0.80
C LYS A 89 21.89 -23.87 -1.04
N ALA A 90 22.42 -23.14 -0.05
CA ALA A 90 22.60 -21.70 -0.19
C ALA A 90 23.47 -21.38 -1.40
N LYS A 91 24.60 -22.07 -1.50
CA LYS A 91 25.54 -21.89 -2.60
C LYS A 91 24.88 -22.16 -3.94
N ARG A 92 24.11 -23.24 -3.99
CA ARG A 92 23.41 -23.61 -5.22
C ARG A 92 22.42 -22.52 -5.62
N ALA A 93 21.68 -22.02 -4.64
CA ALA A 93 20.71 -20.97 -4.88
C ALA A 93 21.39 -19.71 -5.43
N VAL A 94 22.51 -19.33 -4.82
CA VAL A 94 23.21 -18.13 -5.29
C VAL A 94 23.72 -18.34 -6.71
N GLN A 95 24.25 -19.52 -6.99
CA GLN A 95 24.69 -19.87 -8.35
C GLN A 95 23.55 -19.76 -9.36
N ARG A 96 22.32 -19.97 -8.90
CA ARG A 96 21.15 -19.95 -9.77
C ARG A 96 20.46 -18.58 -9.74
N GLY A 97 21.21 -17.55 -9.37
CA GLY A 97 20.75 -16.18 -9.47
C GLY A 97 20.04 -15.61 -8.26
N ALA A 98 20.21 -16.21 -7.10
CA ALA A 98 19.60 -15.66 -5.88
C ALA A 98 20.40 -14.46 -5.37
N THR A 99 19.70 -13.40 -5.01
CA THR A 99 20.36 -12.21 -4.46
C THR A 99 20.48 -12.35 -2.95
N ALA A 100 19.69 -13.27 -2.40
CA ALA A 100 19.74 -13.61 -0.98
C ALA A 100 19.02 -14.93 -0.75
N VAL A 101 19.34 -15.59 0.35
CA VAL A 101 18.66 -16.83 0.72
C VAL A 101 18.12 -16.75 2.14
N ILE A 102 16.85 -17.08 2.33
CA ILE A 102 16.29 -17.14 3.69
C ILE A 102 15.90 -18.58 4.08
N PHE A 103 16.46 -19.07 5.18
CA PHE A 103 16.14 -20.41 5.69
C PHE A 103 15.17 -20.31 6.87
N ASP A 104 14.12 -21.14 6.85
CA ASP A 104 13.27 -21.32 8.02
C ASP A 104 13.79 -22.52 8.80
N VAL A 105 14.32 -22.25 9.99
CA VAL A 105 15.01 -23.26 10.77
C VAL A 105 14.26 -23.68 12.04
N SER A 106 12.98 -23.38 12.11
CA SER A 106 12.19 -23.71 13.30
C SER A 106 12.20 -25.21 13.59
N GLU A 107 12.01 -26.03 12.56
CA GLU A 107 12.01 -27.48 12.72
C GLU A 107 13.44 -28.05 12.69
N ASN A 108 14.41 -27.19 12.40
CA ASN A 108 15.80 -27.63 12.34
C ASN A 108 16.74 -26.53 12.84
N PRO A 109 16.69 -26.25 14.17
CA PRO A 109 17.54 -25.21 14.77
C PRO A 109 19.02 -25.51 14.56
N GLU A 110 19.34 -26.80 14.52
CA GLU A 110 20.71 -27.27 14.38
C GLU A 110 21.35 -26.68 13.12
N ALA A 111 20.52 -26.46 12.11
CA ALA A 111 20.97 -25.89 10.85
C ALA A 111 21.69 -24.56 11.04
N ILE A 112 21.28 -23.79 12.03
CA ILE A 112 21.94 -22.54 12.36
C ILE A 112 23.44 -22.76 12.51
N ASP A 113 23.78 -23.77 13.30
CA ASP A 113 25.17 -24.10 13.54
C ASP A 113 25.86 -24.49 12.26
N GLN A 114 25.15 -25.19 11.39
CA GLN A 114 25.75 -25.53 10.12
C GLN A 114 26.00 -24.27 9.28
N LEU A 115 25.09 -23.28 9.36
CA LEU A 115 25.28 -22.05 8.62
C LEU A 115 26.42 -21.18 9.14
N ASN A 116 26.47 -21.00 10.45
CA ASN A 116 27.44 -20.09 11.04
C ASN A 116 28.83 -20.66 11.29
N GLN A 117 28.98 -21.97 11.16
CA GLN A 117 30.28 -22.60 11.39
C GLN A 117 30.84 -23.34 10.18
N GLY A 118 31.23 -22.60 9.15
CA GLY A 118 31.76 -23.20 7.95
C GLY A 118 33.18 -22.75 7.68
N SER A 119 34.02 -23.70 7.27
CA SER A 119 35.44 -23.48 7.05
C SER A 119 35.70 -22.59 5.85
N GLU A 120 34.71 -22.49 4.97
CA GLU A 120 34.91 -21.87 3.67
C GLU A 120 34.50 -20.40 3.52
N ASP A 121 34.86 -19.85 2.36
CA ASP A 121 34.58 -18.49 1.94
C ASP A 121 33.08 -18.21 2.00
N PRO A 122 32.68 -17.18 2.77
CA PRO A 122 31.26 -16.86 2.82
C PRO A 122 30.78 -16.36 1.47
N LEU A 123 29.52 -16.63 1.15
CA LEU A 123 28.97 -16.26 -0.15
C LEU A 123 28.93 -14.74 -0.32
N LYS A 124 28.88 -14.30 -1.58
CA LYS A 124 28.88 -12.88 -1.87
C LYS A 124 27.51 -12.26 -1.59
N ARG A 125 26.52 -13.11 -1.38
CA ARG A 125 25.16 -12.67 -1.10
C ARG A 125 24.75 -13.09 0.31
N PRO A 126 23.77 -12.38 0.90
CA PRO A 126 23.34 -12.68 2.28
C PRO A 126 22.57 -13.99 2.45
N VAL A 127 22.93 -14.71 3.50
CA VAL A 127 22.20 -15.88 3.93
C VAL A 127 21.61 -15.59 5.32
N VAL A 128 20.28 -15.56 5.38
CA VAL A 128 19.54 -15.17 6.57
C VAL A 128 18.71 -16.34 7.06
N TYR A 129 18.58 -16.51 8.38
CA TYR A 129 17.65 -17.51 8.89
C TYR A 129 16.59 -16.86 9.78
N VAL A 130 15.41 -17.48 9.83
CA VAL A 130 14.32 -17.00 10.66
C VAL A 130 13.74 -18.17 11.46
N LYS A 131 13.04 -17.86 12.54
CA LYS A 131 12.42 -18.87 13.38
C LYS A 131 11.23 -18.29 14.12
N GLY A 132 10.50 -19.15 14.81
CA GLY A 132 9.37 -18.72 15.62
C GLY A 132 8.29 -17.98 14.86
N ALA A 133 7.80 -16.91 15.48
CA ALA A 133 6.68 -16.13 14.95
C ALA A 133 7.03 -15.49 13.62
N ASP A 134 8.31 -15.14 13.44
CA ASP A 134 8.77 -14.53 12.21
C ASP A 134 8.71 -15.52 11.06
N ALA A 135 9.25 -16.71 11.30
CA ALA A 135 9.19 -17.79 10.31
C ALA A 135 7.76 -18.15 9.98
N ILE A 136 6.91 -18.24 10.99
CA ILE A 136 5.50 -18.55 10.76
C ILE A 136 4.83 -17.46 9.92
N LYS A 137 5.17 -16.21 10.20
CA LYS A 137 4.62 -15.07 9.46
C LYS A 137 5.03 -15.13 7.98
N LEU A 138 6.33 -15.31 7.77
CA LEU A 138 6.90 -15.43 6.43
C LEU A 138 6.25 -16.57 5.64
N MET A 139 6.12 -17.73 6.28
CA MET A 139 5.51 -18.89 5.64
C MET A 139 4.04 -18.66 5.34
N ASN A 140 3.38 -17.90 6.21
CA ASN A 140 1.98 -17.58 6.00
C ASN A 140 1.84 -16.74 4.74
N ILE A 141 2.73 -15.76 4.61
CA ILE A 141 2.74 -14.94 3.40
C ILE A 141 3.00 -15.77 2.16
N VAL A 142 4.05 -16.60 2.22
CA VAL A 142 4.42 -17.48 1.12
C VAL A 142 3.27 -18.37 0.67
N ASN A 143 2.55 -18.94 1.63
CA ASN A 143 1.44 -19.84 1.33
C ASN A 143 0.27 -19.06 0.72
N LYS A 144 -0.11 -17.94 1.33
CA LYS A 144 -1.33 -17.27 0.92
C LYS A 144 -1.16 -16.51 -0.39
N GLN A 145 -0.07 -15.77 -0.52
CA GLN A 145 0.10 -14.79 -1.61
C GLN A 145 0.60 -15.41 -2.92
N LYS A 146 0.22 -14.81 -4.05
CA LYS A 146 0.69 -15.28 -5.34
C LYS A 146 2.08 -14.72 -5.68
N VAL A 147 2.32 -13.46 -5.31
CA VAL A 147 3.60 -12.82 -5.57
C VAL A 147 3.98 -11.87 -4.43
N ALA A 148 5.25 -11.89 -4.06
CA ALA A 148 5.74 -11.05 -2.97
C ALA A 148 7.20 -10.66 -3.21
N ARG A 149 7.54 -9.41 -2.87
CA ARG A 149 8.91 -8.94 -2.97
C ARG A 149 9.50 -8.83 -1.56
N ALA A 150 10.72 -9.32 -1.38
CA ALA A 150 11.40 -9.26 -0.08
C ALA A 150 12.55 -8.24 -0.03
N ARG A 151 12.60 -7.47 1.06
CA ARG A 151 13.66 -6.50 1.30
CA ARG A 151 13.66 -6.50 1.29
C ARG A 151 14.43 -6.84 2.57
N ILE A 152 15.69 -7.24 2.43
CA ILE A 152 16.52 -7.59 3.57
C ILE A 152 17.47 -6.42 3.92
N GLN A 153 17.27 -5.87 5.11
CA GLN A 153 17.97 -4.68 5.61
C GLN A 153 18.90 -4.86 6.82
N HIS A 154 20.01 -4.12 6.78
CA HIS A 154 20.93 -3.83 7.90
C HIS A 154 22.22 -4.65 7.94
N LEU A 155 23.23 -4.09 8.62
CA LEU A 155 24.57 -4.67 8.74
C LEU A 155 25.11 -5.20 7.42
N GLY B 1 24.75 11.83 8.87
CA GLY B 1 25.32 13.09 8.43
C GLY B 1 25.13 13.31 6.94
N SER B 2 25.24 14.57 6.52
CA SER B 2 25.10 14.91 5.11
C SER B 2 26.26 14.36 4.29
N LYS B 3 27.37 14.08 4.98
CA LYS B 3 28.55 13.51 4.35
C LYS B 3 28.27 12.09 3.88
N GLU B 4 27.37 11.40 4.58
CA GLU B 4 27.01 10.04 4.21
C GLU B 4 25.63 9.84 3.59
N THR B 5 25.48 9.09 2.49
CA THR B 5 26.43 8.53 1.47
C THR B 5 25.82 7.20 1.02
N ALA B 6 25.79 7.01 -0.29
CA ALA B 6 25.18 5.83 -0.86
C ALA B 6 26.16 5.02 -1.68
N PHE B 7 26.25 3.73 -1.41
CA PHE B 7 27.08 2.94 -2.30
C PHE B 7 26.21 2.19 -3.31
N VAL B 8 26.47 2.41 -4.59
CA VAL B 8 25.66 1.80 -5.66
C VAL B 8 26.46 0.77 -6.46
N GLU B 9 25.99 -0.46 -6.46
CA GLU B 9 26.63 -1.53 -7.22
C GLU B 9 25.76 -1.85 -8.43
N VAL B 10 26.39 -1.78 -9.59
CA VAL B 10 25.69 -2.11 -10.81
C VAL B 10 26.12 -3.48 -11.26
N VAL B 11 25.14 -4.35 -11.44
CA VAL B 11 25.36 -5.75 -11.78
C VAL B 11 25.00 -6.03 -13.23
N LEU B 12 25.96 -6.56 -13.97
CA LEU B 12 25.72 -7.01 -15.34
C LEU B 12 25.72 -8.52 -15.32
N PHE B 13 24.70 -9.13 -15.89
CA PHE B 13 24.56 -10.58 -15.79
C PHE B 13 24.25 -11.23 -17.13
N GLU B 14 24.74 -12.46 -17.29
CA GLU B 14 24.54 -13.26 -18.48
C GLU B 14 24.12 -14.67 -18.04
N SER B 15 23.20 -15.27 -18.77
CA SER B 15 22.75 -16.62 -18.42
C SER B 15 23.42 -17.66 -19.31
N SER B 16 23.87 -18.74 -18.70
CA SER B 16 24.51 -19.83 -19.42
C SER B 16 23.45 -20.85 -19.84
N PRO B 17 23.79 -21.74 -20.80
CA PRO B 17 22.87 -22.81 -21.20
C PRO B 17 22.42 -23.68 -20.03
N SER B 18 23.35 -24.09 -19.18
CA SER B 18 23.03 -24.84 -17.96
C SER B 18 21.95 -24.15 -17.14
N GLY B 19 22.07 -22.84 -16.97
CA GLY B 19 21.11 -22.06 -16.20
C GLY B 19 21.79 -21.25 -15.11
N ASP B 20 23.11 -21.37 -15.04
CA ASP B 20 23.90 -20.62 -14.09
C ASP B 20 24.18 -19.21 -14.61
N TYR B 21 24.28 -18.26 -13.70
CA TYR B 21 24.53 -16.88 -14.07
C TYR B 21 26.01 -16.50 -13.96
N THR B 22 26.54 -15.90 -15.01
CA THR B 22 27.84 -15.23 -14.94
C THR B 22 27.60 -13.75 -14.72
N THR B 23 28.15 -13.20 -13.65
CA THR B 23 27.94 -11.79 -13.35
C THR B 23 29.22 -10.99 -13.26
N HIS B 24 29.05 -9.67 -13.37
CA HIS B 24 30.15 -8.72 -13.25
CA HIS B 24 30.15 -8.73 -13.22
C HIS B 24 29.62 -7.48 -12.54
N THR B 25 30.27 -7.04 -11.47
CA THR B 25 29.77 -5.88 -10.75
C THR B 25 30.76 -4.75 -10.79
N THR B 26 30.20 -3.54 -10.82
CA THR B 26 31.02 -2.33 -10.76
C THR B 26 30.46 -1.45 -9.65
N GLY B 27 31.34 -0.72 -8.99
CA GLY B 27 30.90 0.13 -7.90
C GLY B 27 30.94 1.59 -8.27
N LEU B 28 30.04 2.36 -7.66
CA LEU B 28 30.06 3.80 -7.79
C LEU B 28 29.39 4.38 -6.55
N THR B 29 29.54 5.68 -6.34
CA THR B 29 29.05 6.31 -5.12
C THR B 29 28.15 7.50 -5.40
N GLY B 30 27.21 7.72 -4.49
CA GLY B 30 26.37 8.90 -4.54
C GLY B 30 26.03 9.30 -3.12
N ARG B 31 24.97 10.08 -2.96
CA ARG B 31 24.56 10.54 -1.64
C ARG B 31 23.06 10.30 -1.52
N PHE B 32 22.61 9.93 -0.32
CA PHE B 32 21.18 9.87 -0.04
C PHE B 32 20.59 11.24 0.15
N SER B 33 19.44 11.49 -0.46
CA SER B 33 18.76 12.76 -0.26
C SER B 33 17.76 12.60 0.87
N ARG B 34 17.52 13.70 1.58
CA ARG B 34 16.60 13.69 2.72
C ARG B 34 15.15 13.66 2.23
N ALA B 35 14.97 13.74 0.92
CA ALA B 35 13.66 13.63 0.28
C ALA B 35 13.09 12.23 0.44
N GLY B 36 13.97 11.25 0.62
CA GLY B 36 13.54 9.86 0.70
C GLY B 36 14.09 9.15 1.91
N ALA B 37 13.59 7.95 2.15
CA ALA B 37 14.08 7.11 3.25
C ALA B 37 15.58 6.86 3.16
N MET B 38 16.19 6.60 4.31
CA MET B 38 17.58 6.21 4.37
C MET B 38 17.64 4.70 4.43
N LEU B 39 17.33 4.07 3.30
CA LEU B 39 17.25 2.62 3.23
C LEU B 39 18.02 2.08 2.04
N SER B 40 18.35 0.80 2.12
CA SER B 40 18.92 0.08 1.00
C SER B 40 17.83 -0.26 0.00
N ALA B 41 18.22 -0.52 -1.25
CA ALA B 41 17.26 -0.88 -2.28
C ALA B 41 17.94 -1.64 -3.41
N GLU B 42 17.22 -2.59 -4.01
CA GLU B 42 17.76 -3.35 -5.12
C GLU B 42 16.69 -3.55 -6.19
N GLY B 43 17.09 -3.54 -7.45
CA GLY B 43 16.14 -3.66 -8.53
C GLY B 43 16.71 -3.39 -9.91
N GLU B 44 16.05 -3.95 -10.93
CA GLU B 44 16.39 -3.71 -12.33
C GLU B 44 16.39 -2.21 -12.68
N ILE B 45 17.46 -1.75 -13.31
CA ILE B 45 17.62 -0.34 -13.71
C ILE B 45 16.74 0.07 -14.90
N VAL B 46 16.03 1.19 -14.75
CA VAL B 46 15.24 1.76 -15.85
C VAL B 46 15.52 3.25 -15.99
N GLN B 47 16.11 3.65 -17.11
CA GLN B 47 16.36 5.08 -17.34
C GLN B 47 15.07 5.78 -17.74
N MET B 48 14.82 6.94 -17.13
CA MET B 48 13.61 7.70 -17.43
C MET B 48 13.92 9.08 -17.99
N HIS B 49 13.30 9.39 -19.12
CA HIS B 49 13.38 10.72 -19.70
C HIS B 49 12.60 11.65 -18.78
N PRO B 50 13.05 12.90 -18.62
CA PRO B 50 12.31 13.86 -17.79
C PRO B 50 10.82 13.89 -18.10
N LEU B 51 10.49 14.00 -19.39
CA LEU B 51 9.10 14.03 -19.82
C LEU B 51 8.43 12.68 -19.57
N GLY B 52 9.24 11.69 -19.25
CA GLY B 52 8.75 10.35 -18.97
C GLY B 52 8.03 10.33 -17.64
N LEU B 53 8.26 11.37 -16.82
CA LEU B 53 7.60 11.42 -15.53
C LEU B 53 6.50 12.47 -15.48
N CYS B 54 6.11 12.95 -16.67
CA CYS B 54 5.09 13.99 -16.82
C CYS B 54 3.67 13.43 -16.93
N ASN B 55 2.80 13.85 -16.01
CA ASN B 55 1.40 13.43 -15.99
C ASN B 55 0.71 13.82 -17.30
N ASN B 56 0.05 12.89 -17.99
CA ASN B 56 0.05 11.48 -17.65
C ASN B 56 0.03 10.67 -18.94
N ASN B 57 0.56 9.45 -18.86
CA ASN B 57 0.48 8.46 -19.93
C ASN B 57 1.03 8.97 -21.25
N GLU B 60 3.35 6.82 -18.76
CA GLU B 60 3.46 5.94 -19.91
C GLU B 60 2.90 4.54 -19.64
N ASP B 61 3.74 3.51 -19.70
CA ASP B 61 3.31 2.14 -19.55
C ASP B 61 3.55 1.60 -18.17
N LEU B 62 3.44 0.29 -18.03
CA LEU B 62 3.64 -0.35 -16.75
C LEU B 62 4.88 -1.24 -16.75
N TYR B 63 5.68 -1.10 -15.70
CA TYR B 63 6.84 -1.95 -15.49
C TYR B 63 6.54 -2.78 -14.26
N GLU B 64 7.20 -3.92 -14.13
CA GLU B 64 7.05 -4.71 -12.92
C GLU B 64 7.64 -3.98 -11.71
N TYR B 65 6.89 -4.02 -10.61
CA TYR B 65 7.26 -3.35 -9.37
C TYR B 65 8.69 -3.63 -8.92
N GLY B 66 9.36 -2.58 -8.45
CA GLY B 66 10.68 -2.72 -7.84
C GLY B 66 11.83 -2.40 -8.77
N TRP B 67 11.61 -1.48 -9.71
CA TRP B 67 12.68 -1.05 -10.60
C TRP B 67 13.43 0.13 -10.01
N VAL B 68 14.67 0.32 -10.46
CA VAL B 68 15.46 1.45 -10.00
C VAL B 68 15.48 2.54 -11.09
N GLY B 69 14.73 3.60 -10.85
CA GLY B 69 14.68 4.71 -11.78
C GLY B 69 15.99 5.47 -11.85
N VAL B 70 16.41 5.77 -13.07
CA VAL B 70 17.59 6.60 -13.27
C VAL B 70 17.22 7.77 -14.18
N VAL B 71 17.49 8.97 -13.69
CA VAL B 71 17.09 10.20 -14.37
C VAL B 71 18.27 11.14 -14.49
N LYS B 72 18.59 11.52 -15.73
CA LYS B 72 19.62 12.52 -15.95
C LYS B 72 18.96 13.88 -16.04
N LEU B 73 19.20 14.72 -15.05
CA LEU B 73 18.59 16.03 -15.06
C LEU B 73 19.33 16.93 -16.02
N GLU B 74 18.57 17.74 -16.74
CA GLU B 74 19.15 18.69 -17.68
C GLU B 74 19.40 20.01 -16.97
N GLN B 75 20.21 20.85 -17.60
CA GLN B 75 20.53 22.18 -17.08
C GLN B 75 19.22 22.92 -16.89
N PRO B 76 19.08 23.67 -15.77
CA PRO B 76 17.81 24.29 -15.39
C PRO B 76 17.22 25.25 -16.43
N GLU B 77 18.09 25.90 -17.21
CA GLU B 77 17.67 26.85 -18.26
C GLU B 77 17.03 26.12 -19.45
N LEU B 78 17.53 24.93 -19.75
CA LEU B 78 16.98 24.12 -20.86
C LEU B 78 15.60 23.56 -20.54
N ASP B 79 15.21 23.64 -19.27
CA ASP B 79 13.88 23.20 -18.85
C ASP B 79 13.26 24.28 -17.96
N PRO B 80 12.83 25.39 -18.57
CA PRO B 80 12.32 26.53 -17.80
C PRO B 80 10.92 26.31 -17.23
N LYS B 81 10.12 25.48 -17.91
CA LYS B 81 8.76 25.20 -17.46
C LYS B 81 8.50 23.71 -17.27
N PRO B 82 9.06 23.14 -16.19
CA PRO B 82 8.97 21.71 -15.88
C PRO B 82 7.56 21.29 -15.49
N CYS B 83 7.13 20.13 -15.97
CA CYS B 83 5.82 19.60 -15.62
C CYS B 83 5.73 19.25 -14.14
N LEU B 84 6.87 18.84 -13.59
CA LEU B 84 6.95 18.50 -12.18
C LEU B 84 8.27 18.97 -11.58
N THR B 85 8.28 19.23 -10.29
CA THR B 85 9.51 19.51 -9.58
C THR B 85 10.29 18.20 -9.49
N VAL B 86 11.56 18.28 -9.11
CA VAL B 86 12.39 17.10 -8.97
C VAL B 86 11.79 16.13 -7.94
N LEU B 87 11.28 16.71 -6.85
CA LEU B 87 10.63 15.95 -5.80
C LEU B 87 9.36 15.28 -6.34
N GLY B 88 8.58 16.06 -7.09
CA GLY B 88 7.39 15.56 -7.74
C GLY B 88 7.69 14.37 -8.65
N LYS B 89 8.80 14.48 -9.37
CA LYS B 89 9.24 13.41 -10.25
C LYS B 89 9.60 12.16 -9.44
N ALA B 90 10.32 12.35 -8.35
CA ALA B 90 10.65 11.23 -7.45
C ALA B 90 9.38 10.52 -6.95
N LYS B 91 8.42 11.30 -6.47
CA LYS B 91 7.14 10.79 -5.98
C LYS B 91 6.45 10.01 -7.08
N ARG B 92 6.48 10.57 -8.28
CA ARG B 92 5.85 9.97 -9.46
C ARG B 92 6.47 8.61 -9.75
N ALA B 93 7.80 8.54 -9.70
CA ALA B 93 8.52 7.29 -9.93
C ALA B 93 8.15 6.25 -8.89
N VAL B 94 8.10 6.65 -7.62
CA VAL B 94 7.76 5.70 -6.57
C VAL B 94 6.32 5.18 -6.73
N GLN B 95 5.40 6.08 -7.06
CA GLN B 95 4.01 5.73 -7.30
C GLN B 95 3.85 4.68 -8.39
N ARG B 96 4.78 4.69 -9.34
CA ARG B 96 4.74 3.78 -10.47
C ARG B 96 5.65 2.57 -10.26
N GLY B 97 5.93 2.27 -9.00
CA GLY B 97 6.63 1.04 -8.65
C GLY B 97 8.14 1.07 -8.58
N ALA B 98 8.72 2.26 -8.47
CA ALA B 98 10.16 2.34 -8.28
C ALA B 98 10.50 2.01 -6.83
N THR B 99 11.51 1.18 -6.63
CA THR B 99 11.96 0.82 -5.29
C THR B 99 13.00 1.82 -4.82
N ALA B 100 13.56 2.55 -5.77
CA ALA B 100 14.55 3.58 -5.50
C ALA B 100 14.65 4.50 -6.70
N VAL B 101 15.11 5.73 -6.48
CA VAL B 101 15.31 6.66 -7.59
C VAL B 101 16.70 7.26 -7.57
N ILE B 102 17.40 7.19 -8.70
CA ILE B 102 18.71 7.81 -8.80
C ILE B 102 18.69 8.98 -9.77
N PHE B 103 19.05 10.17 -9.27
CA PHE B 103 19.13 11.36 -10.09
C PHE B 103 20.57 11.66 -10.46
N ASP B 104 20.82 11.94 -11.72
CA ASP B 104 22.11 12.49 -12.12
C ASP B 104 21.98 14.00 -12.09
N VAL B 105 22.66 14.63 -11.14
CA VAL B 105 22.47 16.06 -10.90
C VAL B 105 23.68 16.91 -11.29
N SER B 106 24.59 16.34 -12.07
CA SER B 106 25.78 17.05 -12.51
C SER B 106 25.44 18.34 -13.27
N GLU B 107 24.42 18.29 -14.13
CA GLU B 107 24.02 19.46 -14.90
C GLU B 107 23.14 20.41 -14.07
N ASN B 108 22.70 19.95 -12.90
CA ASN B 108 21.79 20.76 -12.08
C ASN B 108 22.00 20.54 -10.58
N PRO B 109 23.11 21.04 -10.02
CA PRO B 109 23.40 20.81 -8.60
C PRO B 109 22.35 21.34 -7.62
N GLU B 110 21.77 22.50 -7.91
CA GLU B 110 20.78 23.10 -7.01
C GLU B 110 19.58 22.19 -6.76
N ALA B 111 19.31 21.29 -7.69
CA ALA B 111 18.22 20.33 -7.54
C ALA B 111 18.37 19.57 -6.23
N ILE B 112 19.61 19.29 -5.83
CA ILE B 112 19.87 18.63 -4.56
C ILE B 112 19.11 19.32 -3.44
N ASP B 113 19.28 20.63 -3.39
CA ASP B 113 18.68 21.47 -2.35
C ASP B 113 17.17 21.37 -2.43
N GLN B 114 16.67 21.33 -3.66
CA GLN B 114 15.26 21.24 -3.92
C GLN B 114 14.72 19.92 -3.37
N LEU B 115 15.52 18.87 -3.52
CA LEU B 115 15.16 17.55 -3.03
C LEU B 115 15.07 17.64 -1.53
N ASN B 116 15.94 18.45 -0.95
CA ASN B 116 16.03 18.56 0.50
C ASN B 116 14.83 19.32 1.05
N GLN B 117 13.87 19.67 0.20
CA GLN B 117 12.70 20.41 0.66
C GLN B 117 11.50 19.51 0.88
N GLY B 118 11.77 18.23 1.15
CA GLY B 118 10.70 17.28 1.33
C GLY B 118 11.02 16.38 2.50
N SER B 119 11.85 16.91 3.39
CA SER B 119 12.32 16.15 4.55
C SER B 119 11.23 15.92 5.60
N GLU B 120 10.22 16.78 5.68
CA GLU B 120 9.20 16.55 6.70
C GLU B 120 8.24 15.48 6.18
N ASP B 121 7.98 15.52 4.87
CA ASP B 121 7.28 14.44 4.16
C ASP B 121 8.26 13.58 3.31
N PRO B 122 9.18 12.84 3.95
CA PRO B 122 10.11 12.03 3.14
C PRO B 122 9.44 10.83 2.48
N LEU B 123 9.91 10.45 1.30
CA LEU B 123 9.36 9.29 0.61
C LEU B 123 9.71 8.00 1.35
N LYS B 124 8.91 6.98 1.09
CA LYS B 124 9.09 5.69 1.72
C LYS B 124 10.25 4.91 1.10
N ARG B 125 10.68 5.34 -0.08
CA ARG B 125 11.77 4.69 -0.81
C ARG B 125 12.96 5.64 -0.93
N PRO B 126 14.18 5.09 -1.10
CA PRO B 126 15.38 5.93 -1.17
C PRO B 126 15.50 6.76 -2.44
N VAL B 127 15.92 8.01 -2.27
CA VAL B 127 16.28 8.89 -3.36
C VAL B 127 17.76 9.26 -3.28
N VAL B 128 18.53 8.82 -4.27
CA VAL B 128 19.98 8.99 -4.28
C VAL B 128 20.37 9.89 -5.44
N TYR B 129 21.36 10.76 -5.26
CA TYR B 129 21.88 11.51 -6.39
C TYR B 129 23.36 11.22 -6.62
N VAL B 130 23.76 11.33 -7.89
CA VAL B 130 25.15 11.11 -8.28
C VAL B 130 25.63 12.25 -9.16
N LYS B 131 26.95 12.39 -9.26
CA LYS B 131 27.56 13.43 -10.06
C LYS B 131 28.97 13.03 -10.48
N GLY B 132 29.58 13.82 -11.35
CA GLY B 132 30.95 13.57 -11.78
C GLY B 132 31.17 12.24 -12.47
N ALA B 133 32.29 11.62 -12.14
CA ALA B 133 32.71 10.36 -12.76
C ALA B 133 31.74 9.22 -12.48
N ASP B 134 31.09 9.29 -11.32
CA ASP B 134 30.13 8.26 -10.92
C ASP B 134 28.91 8.33 -11.83
N ALA B 135 28.40 9.55 -12.00
CA ALA B 135 27.29 9.79 -12.90
C ALA B 135 27.64 9.41 -14.34
N ILE B 136 28.84 9.77 -14.79
CA ILE B 136 29.26 9.41 -16.14
C ILE B 136 29.31 7.89 -16.32
N LYS B 137 29.82 7.19 -15.30
CA LYS B 137 29.89 5.73 -15.33
C LYS B 137 28.49 5.11 -15.41
N LEU B 138 27.60 5.58 -14.55
CA LEU B 138 26.21 5.11 -14.54
C LEU B 138 25.53 5.35 -15.88
N MET B 139 25.71 6.53 -16.44
CA MET B 139 25.11 6.87 -17.73
C MET B 139 25.69 6.02 -18.84
N ASN B 140 26.97 5.68 -18.74
CA ASN B 140 27.60 4.80 -19.71
C ASN B 140 26.97 3.41 -19.63
N ILE B 141 26.73 2.94 -18.40
CA ILE B 141 26.06 1.66 -18.21
C ILE B 141 24.66 1.67 -18.83
N VAL B 142 23.90 2.70 -18.52
CA VAL B 142 22.56 2.90 -19.08
C VAL B 142 22.56 2.90 -20.61
N ASN B 143 23.54 3.58 -21.18
CA ASN B 143 23.63 3.72 -22.63
C ASN B 143 23.99 2.41 -23.33
N LYS B 144 25.04 1.75 -22.83
CA LYS B 144 25.57 0.59 -23.52
C LYS B 144 24.81 -0.72 -23.26
N GLN B 145 24.45 -0.97 -22.02
CA GLN B 145 23.97 -2.29 -21.60
C GLN B 145 22.50 -2.56 -21.92
N LYS B 146 22.19 -3.84 -22.10
CA LYS B 146 20.83 -4.28 -22.39
C LYS B 146 19.99 -4.36 -21.11
N VAL B 147 20.58 -4.86 -20.03
CA VAL B 147 19.92 -4.98 -18.75
C VAL B 147 20.92 -4.83 -17.62
N ALA B 148 20.52 -4.16 -16.55
CA ALA B 148 21.41 -3.99 -15.41
C ALA B 148 20.61 -3.94 -14.11
N ARG B 149 21.11 -4.62 -13.09
CA ARG B 149 20.49 -4.60 -11.79
C ARG B 149 21.29 -3.71 -10.85
N ALA B 150 20.59 -2.85 -10.11
CA ALA B 150 21.23 -1.94 -9.18
C ALA B 150 21.01 -2.35 -7.73
N ARG B 151 22.10 -2.31 -6.96
CA ARG B 151 22.08 -2.56 -5.54
C ARG B 151 22.52 -1.32 -4.80
N ILE B 152 21.57 -0.66 -4.16
CA ILE B 152 21.90 0.53 -3.39
C ILE B 152 22.02 0.20 -1.92
N GLN B 153 23.20 0.41 -1.35
CA GLN B 153 23.46 0.10 0.05
C GLN B 153 23.62 1.39 0.84
N HIS B 154 22.97 1.41 2.01
CA HIS B 154 23.06 2.49 2.98
C HIS B 154 24.14 2.23 4.01
N LEU B 155 25.29 2.88 3.82
CA LEU B 155 26.47 2.68 4.67
C LEU B 155 26.37 3.19 6.09
N ALA B 156 25.27 3.84 6.44
CA ALA B 156 25.17 4.44 7.76
C ALA B 156 24.75 3.36 8.75
N ALA B 157 25.13 3.38 10.03
CA ALA B 157 25.59 4.46 10.96
C ALA B 157 24.36 5.15 11.51
N ALA B 158 23.20 4.71 11.04
CA ALA B 158 21.91 5.16 11.54
C ALA B 158 21.75 6.66 11.51
N GLU C 4 -4.51 -15.48 27.74
CA GLU C 4 -5.45 -14.49 27.24
C GLU C 4 -4.74 -13.55 26.30
N THR C 5 -4.33 -14.06 25.14
CA THR C 5 -3.43 -13.33 24.25
C THR C 5 -4.13 -12.35 23.32
N ALA C 6 -3.55 -11.15 23.20
CA ALA C 6 -4.10 -10.12 22.33
C ALA C 6 -3.10 -9.87 21.21
N PHE C 7 -3.54 -9.99 19.97
CA PHE C 7 -2.62 -9.68 18.88
C PHE C 7 -2.89 -8.28 18.36
N VAL C 8 -1.86 -7.45 18.38
CA VAL C 8 -2.01 -6.07 17.97
C VAL C 8 -1.28 -5.77 16.67
N GLU C 9 -2.04 -5.32 15.69
CA GLU C 9 -1.47 -4.89 14.41
C GLU C 9 -1.46 -3.38 14.38
N VAL C 10 -0.28 -2.81 14.15
CA VAL C 10 -0.19 -1.37 14.02
C VAL C 10 -0.03 -1.05 12.54
N VAL C 11 -0.97 -0.25 12.01
CA VAL C 11 -1.01 0.05 10.59
C VAL C 11 -0.65 1.49 10.27
N LEU C 12 0.36 1.64 9.41
CA LEU C 12 0.75 2.94 8.89
C LEU C 12 0.27 3.05 7.45
N PHE C 13 -0.41 4.13 7.11
CA PHE C 13 -1.03 4.25 5.80
C PHE C 13 -0.82 5.59 5.13
N GLU C 14 -0.68 5.56 3.81
CA GLU C 14 -0.58 6.77 3.01
C GLU C 14 -1.48 6.67 1.80
N SER C 15 -2.10 7.79 1.44
CA SER C 15 -3.03 7.83 0.30
C SER C 15 -2.39 8.37 -0.97
N SER C 16 -2.73 7.77 -2.10
CA SER C 16 -2.27 8.23 -3.40
C SER C 16 -3.26 9.25 -3.95
N PRO C 17 -2.88 10.02 -4.99
CA PRO C 17 -3.84 10.96 -5.59
C PRO C 17 -5.16 10.30 -6.01
N SER C 18 -5.07 9.17 -6.68
CA SER C 18 -6.26 8.38 -7.04
C SER C 18 -7.16 8.15 -5.82
N GLY C 19 -6.55 7.79 -4.69
CA GLY C 19 -7.30 7.54 -3.47
C GLY C 19 -7.00 6.18 -2.89
N ASP C 20 -6.07 5.45 -3.52
CA ASP C 20 -5.70 4.13 -3.04
C ASP C 20 -4.72 4.23 -1.88
N TYR C 21 -4.84 3.30 -0.93
CA TYR C 21 -3.96 3.29 0.24
C TYR C 21 -2.81 2.30 0.18
N THR C 22 -1.62 2.81 0.47
CA THR C 22 -0.44 2.02 0.71
C THR C 22 -0.29 1.82 2.21
N THR C 23 -0.13 0.58 2.64
CA THR C 23 -0.01 0.31 4.07
C THR C 23 1.29 -0.38 4.45
N HIS C 24 1.59 -0.33 5.73
CA HIS C 24 2.73 -1.02 6.31
C HIS C 24 2.27 -1.46 7.69
N THR C 25 2.31 -2.75 7.98
CA THR C 25 1.77 -3.23 9.24
C THR C 25 2.84 -3.90 10.09
N THR C 26 2.72 -3.75 11.40
CA THR C 26 3.64 -4.41 12.32
C THR C 26 2.84 -5.19 13.34
N GLY C 27 3.34 -6.35 13.73
CA GLY C 27 2.63 -7.15 14.69
C GLY C 27 3.33 -7.15 16.03
N LEU C 28 2.54 -7.26 17.09
CA LEU C 28 3.09 -7.43 18.43
C LEU C 28 2.03 -8.09 19.29
N THR C 29 2.41 -8.58 20.45
CA THR C 29 1.47 -9.32 21.27
C THR C 29 1.40 -8.75 22.68
N GLY C 30 0.23 -8.89 23.28
CA GLY C 30 0.01 -8.51 24.66
C GLY C 30 -1.00 -9.44 25.29
N ARG C 31 -1.62 -8.98 26.37
CA ARG C 31 -2.59 -9.78 27.11
C ARG C 31 -3.82 -8.95 27.39
N PHE C 32 -4.98 -9.60 27.34
CA PHE C 32 -6.20 -8.95 27.76
C PHE C 32 -6.23 -8.94 29.28
N SER C 33 -6.54 -7.78 29.84
CA SER C 33 -6.67 -7.63 31.28
C SER C 33 -8.12 -7.75 31.71
N ARG C 34 -8.35 -8.18 32.95
CA ARG C 34 -9.71 -8.29 33.46
C ARG C 34 -10.33 -6.92 33.73
N ALA C 35 -9.54 -5.87 33.57
CA ALA C 35 -10.07 -4.53 33.75
C ALA C 35 -11.09 -4.22 32.68
N GLY C 36 -10.95 -4.89 31.53
CA GLY C 36 -11.84 -4.68 30.41
C GLY C 36 -12.35 -5.96 29.80
N ALA C 37 -13.33 -5.83 28.91
CA ALA C 37 -13.84 -6.94 28.13
C ALA C 37 -12.73 -7.58 27.31
N MET C 38 -12.89 -8.87 26.97
CA MET C 38 -11.97 -9.54 26.08
C MET C 38 -12.54 -9.53 24.67
N LEU C 39 -12.44 -8.38 24.02
CA LEU C 39 -13.05 -8.16 22.72
C LEU C 39 -12.04 -7.61 21.71
N SER C 40 -12.37 -7.74 20.44
CA SER C 40 -11.59 -7.11 19.39
C SER C 40 -11.88 -5.61 19.34
N ALA C 41 -10.91 -4.85 18.84
CA ALA C 41 -11.05 -3.40 18.74
C ALA C 41 -10.13 -2.82 17.68
N GLU C 42 -10.61 -1.78 17.00
CA GLU C 42 -9.81 -1.12 15.98
C GLU C 42 -10.00 0.39 16.09
N GLY C 43 -8.94 1.15 15.85
CA GLY C 43 -9.04 2.59 16.03
C GLY C 43 -7.74 3.34 15.92
N GLU C 44 -7.87 4.64 15.62
CA GLU C 44 -6.75 5.57 15.59
C GLU C 44 -5.96 5.56 16.90
N ILE C 45 -4.65 5.36 16.81
CA ILE C 45 -3.80 5.34 18.00
C ILE C 45 -3.57 6.74 18.56
N VAL C 46 -3.79 6.90 19.87
CA VAL C 46 -3.49 8.15 20.55
C VAL C 46 -2.72 7.89 21.83
N GLN C 47 -1.47 8.35 21.89
CA GLN C 47 -0.68 8.23 23.11
C GLN C 47 -1.14 9.25 24.14
N MET C 48 -1.29 8.80 25.39
CA MET C 48 -1.71 9.67 26.48
C MET C 48 -0.64 9.77 27.54
N HIS C 49 -0.30 11.00 27.89
CA HIS C 49 0.62 11.28 28.98
C HIS C 49 -0.09 10.91 30.28
N PRO C 50 0.66 10.39 31.27
CA PRO C 50 0.10 10.04 32.58
C PRO C 50 -0.78 11.14 33.16
N LEU C 51 -0.30 12.38 33.10
CA LEU C 51 -1.06 13.52 33.58
C LEU C 51 -2.24 13.88 32.68
N GLY C 52 -2.31 13.28 31.49
CA GLY C 52 -3.36 13.60 30.54
C GLY C 52 -4.75 13.09 30.88
N LEU C 53 -4.82 12.10 31.77
CA LEU C 53 -6.11 11.55 32.20
C LEU C 53 -6.41 11.90 33.65
N CYS C 54 -5.66 12.84 34.21
CA CYS C 54 -5.76 13.23 35.61
C CYS C 54 -6.87 14.24 35.85
N ASN C 55 -7.82 13.90 36.72
CA ASN C 55 -8.98 14.77 36.98
C ASN C 55 -8.65 16.18 37.43
N ASN C 56 -9.23 17.14 36.72
CA ASN C 56 -9.97 16.85 35.49
C ASN C 56 -8.99 16.90 34.33
N ASN C 57 -9.13 16.01 33.35
CA ASN C 57 -8.41 16.12 32.06
C ASN C 57 -7.99 17.56 31.73
N ASP C 58 -8.88 18.50 32.04
CA ASP C 58 -8.67 19.95 31.98
C ASP C 58 -8.43 20.43 30.56
N GLU C 59 -7.41 19.87 29.91
CA GLU C 59 -7.15 20.15 28.51
C GLU C 59 -8.09 19.25 27.76
N GLU C 60 -9.37 19.62 27.74
CA GLU C 60 -10.40 18.79 27.15
C GLU C 60 -10.26 18.74 25.65
N ASP C 61 -9.18 18.11 25.16
CA ASP C 61 -9.04 18.00 23.73
C ASP C 61 -10.13 17.06 23.31
N LEU C 62 -10.59 17.16 22.08
CA LEU C 62 -11.63 16.23 21.67
C LEU C 62 -11.16 15.36 20.52
N TYR C 63 -11.40 14.06 20.65
CA TYR C 63 -11.09 13.13 19.58
C TYR C 63 -12.42 12.58 19.10
N GLU C 64 -12.46 12.17 17.84
CA GLU C 64 -13.64 11.47 17.36
C GLU C 64 -13.70 10.09 18.02
N TYR C 65 -14.90 9.70 18.42
CA TYR C 65 -15.13 8.43 19.11
C TYR C 65 -14.44 7.24 18.45
N GLY C 66 -13.87 6.37 19.27
CA GLY C 66 -13.30 5.12 18.79
C GLY C 66 -11.79 5.10 18.62
N TRP C 67 -11.07 5.86 19.44
CA TRP C 67 -9.62 5.86 19.37
C TRP C 67 -8.99 4.81 20.29
N VAL C 68 -7.78 4.38 19.98
CA VAL C 68 -7.06 3.42 20.80
C VAL C 68 -6.03 4.12 21.66
N GLY C 69 -6.32 4.23 22.95
CA GLY C 69 -5.40 4.85 23.89
C GLY C 69 -4.15 4.02 24.10
N VAL C 70 -3.01 4.68 24.10
CA VAL C 70 -1.75 4.03 24.40
C VAL C 70 -1.03 4.77 25.52
N VAL C 71 -0.69 4.06 26.57
CA VAL C 71 -0.10 4.70 27.75
C VAL C 71 1.19 4.02 28.17
N LYS C 72 2.28 4.79 28.21
CA LYS C 72 3.55 4.29 28.71
C LYS C 72 3.67 4.64 30.19
N LEU C 73 3.60 3.61 31.03
CA LEU C 73 3.67 3.81 32.47
C LEU C 73 5.12 4.01 32.93
N GLU C 74 5.30 4.91 33.89
CA GLU C 74 6.63 5.15 34.45
C GLU C 74 6.83 4.30 35.68
N GLN C 75 8.09 4.16 36.09
CA GLN C 75 8.41 3.44 37.32
C GLN C 75 7.73 4.11 38.49
N PRO C 76 7.19 3.30 39.42
CA PRO C 76 6.36 3.79 40.53
C PRO C 76 7.05 4.86 41.35
N GLU C 77 8.38 4.84 41.39
CA GLU C 77 9.14 5.86 42.08
C GLU C 77 9.04 7.20 41.36
N LEU C 78 9.00 7.15 40.02
CA LEU C 78 8.90 8.36 39.22
C LEU C 78 7.50 8.98 39.31
N ASP C 79 6.55 8.22 39.82
CA ASP C 79 5.19 8.72 40.00
C ASP C 79 4.65 8.40 41.39
N PRO C 80 5.16 9.10 42.40
CA PRO C 80 4.77 8.86 43.79
C PRO C 80 3.37 9.38 44.07
N LYS C 81 2.92 10.35 43.28
CA LYS C 81 1.64 10.99 43.51
C LYS C 81 0.70 10.80 42.31
N PRO C 82 0.21 9.55 42.09
CA PRO C 82 -0.66 9.34 40.94
C PRO C 82 -2.03 9.98 41.13
N CYS C 83 -2.53 10.68 40.11
CA CYS C 83 -3.85 11.29 40.18
C CYS C 83 -4.91 10.20 40.15
N LEU C 84 -4.61 9.13 39.45
CA LEU C 84 -5.53 8.01 39.29
C LEU C 84 -4.80 6.68 39.34
N THR C 85 -5.52 5.64 39.74
CA THR C 85 -5.02 4.29 39.62
C THR C 85 -5.02 3.94 38.13
N VAL C 86 -4.35 2.84 37.79
CA VAL C 86 -4.31 2.41 36.39
C VAL C 86 -5.73 2.13 35.88
N LEU C 87 -6.55 1.54 36.74
CA LEU C 87 -7.95 1.25 36.42
C LEU C 87 -8.72 2.54 36.17
N GLY C 88 -8.51 3.52 37.05
CA GLY C 88 -9.09 4.83 36.91
C GLY C 88 -8.74 5.49 35.59
N LYS C 89 -7.48 5.34 35.17
CA LYS C 89 -7.03 5.89 33.90
C LYS C 89 -7.72 5.21 32.73
N ALA C 90 -7.77 3.89 32.77
CA ALA C 90 -8.45 3.14 31.73
C ALA C 90 -9.91 3.56 31.57
N LYS C 91 -10.63 3.59 32.68
CA LYS C 91 -12.04 3.99 32.65
C LYS C 91 -12.20 5.40 32.14
N ARG C 92 -11.30 6.29 32.57
CA ARG C 92 -11.37 7.69 32.13
C ARG C 92 -11.22 7.75 30.62
N ALA C 93 -10.28 6.98 30.09
CA ALA C 93 -10.07 6.92 28.65
C ALA C 93 -11.32 6.41 27.92
N VAL C 94 -11.93 5.36 28.47
CA VAL C 94 -13.13 4.81 27.85
C VAL C 94 -14.29 5.81 27.87
N GLN C 95 -14.42 6.54 28.98
CA GLN C 95 -15.42 7.60 29.10
C GLN C 95 -15.25 8.64 28.01
N ARG C 96 -14.01 8.84 27.58
CA ARG C 96 -13.71 9.86 26.59
C ARG C 96 -13.67 9.27 25.18
N GLY C 97 -14.32 8.13 25.00
CA GLY C 97 -14.51 7.58 23.67
C GLY C 97 -13.43 6.65 23.15
N ALA C 98 -12.64 6.09 24.05
CA ALA C 98 -11.64 5.11 23.65
C ALA C 98 -12.29 3.76 23.37
N THR C 99 -11.92 3.13 22.26
CA THR C 99 -12.48 1.84 21.93
C THR C 99 -11.66 0.72 22.57
N ALA C 100 -10.45 1.08 22.99
CA ALA C 100 -9.56 0.16 23.69
C ALA C 100 -8.45 0.96 24.35
N VAL C 101 -7.84 0.38 25.38
CA VAL C 101 -6.72 1.04 26.04
C VAL C 101 -5.52 0.10 26.12
N ILE C 102 -4.36 0.57 25.67
CA ILE C 102 -3.13 -0.21 25.76
C ILE C 102 -2.15 0.42 26.73
N PHE C 103 -1.74 -0.34 27.74
CA PHE C 103 -0.74 0.09 28.71
C PHE C 103 0.62 -0.51 28.40
N ASP C 104 1.66 0.31 28.42
CA ASP C 104 3.02 -0.21 28.40
C ASP C 104 3.47 -0.34 29.86
N VAL C 105 3.65 -1.58 30.31
CA VAL C 105 3.88 -1.82 31.73
C VAL C 105 5.32 -2.28 32.01
N SER C 106 6.20 -2.02 31.05
CA SER C 106 7.61 -2.40 31.18
C SER C 106 8.28 -1.76 32.40
N GLU C 107 8.02 -0.46 32.62
CA GLU C 107 8.60 0.24 33.76
C GLU C 107 7.80 -0.01 35.04
N ASN C 108 6.64 -0.66 34.90
CA ASN C 108 5.76 -0.84 36.05
C ASN C 108 5.03 -2.18 36.01
N PRO C 109 5.76 -3.28 36.26
CA PRO C 109 5.15 -4.62 36.21
C PRO C 109 3.99 -4.77 37.20
N GLU C 110 4.10 -4.09 38.35
CA GLU C 110 3.09 -4.19 39.39
C GLU C 110 1.72 -3.80 38.85
N ALA C 111 1.75 -2.88 37.88
CA ALA C 111 0.51 -2.39 37.31
C ALA C 111 -0.38 -3.52 36.75
N ILE C 112 0.22 -4.58 36.20
CA ILE C 112 -0.55 -5.72 35.68
C ILE C 112 -1.50 -6.27 36.75
N ASP C 113 -0.99 -6.50 37.97
CA ASP C 113 -1.84 -7.02 39.04
C ASP C 113 -2.97 -6.06 39.29
N GLN C 114 -2.61 -4.77 39.27
CA GLN C 114 -3.56 -3.69 39.50
C GLN C 114 -4.61 -3.76 38.43
N LEU C 115 -4.20 -4.14 37.23
CA LEU C 115 -5.13 -4.37 36.14
C LEU C 115 -5.94 -5.65 36.31
N ASN C 116 -5.28 -6.75 36.70
CA ASN C 116 -5.95 -8.05 36.74
C ASN C 116 -6.80 -8.29 37.98
N GLN C 117 -6.77 -7.37 38.93
CA GLN C 117 -7.63 -7.48 40.11
C GLN C 117 -8.67 -6.36 40.10
N GLY C 118 -8.96 -5.79 41.26
CA GLY C 118 -10.00 -4.79 41.34
C GLY C 118 -11.31 -5.54 41.47
N SER C 119 -12.15 -5.16 42.43
CA SER C 119 -13.32 -5.97 42.73
C SER C 119 -14.45 -5.99 41.69
N GLU C 120 -14.64 -4.88 40.97
CA GLU C 120 -15.76 -4.69 40.04
C GLU C 120 -15.46 -3.43 39.24
N ASP C 121 -15.82 -3.35 37.96
CA ASP C 121 -16.51 -4.35 37.14
C ASP C 121 -15.77 -4.23 35.81
N PRO C 122 -15.47 -5.35 35.10
CA PRO C 122 -14.71 -5.04 33.89
C PRO C 122 -15.48 -4.22 32.86
N LEU C 123 -14.72 -3.35 32.20
CA LEU C 123 -15.24 -2.42 31.22
C LEU C 123 -15.75 -3.15 29.97
N LYS C 124 -16.59 -2.46 29.21
CA LYS C 124 -17.16 -3.03 27.99
C LYS C 124 -16.13 -3.00 26.85
N ARG C 125 -15.03 -2.28 27.07
CA ARG C 125 -13.97 -2.20 26.06
C ARG C 125 -12.71 -2.87 26.58
N PRO C 126 -11.85 -3.37 25.66
CA PRO C 126 -10.63 -4.07 26.05
C PRO C 126 -9.54 -3.19 26.67
N VAL C 127 -8.96 -3.71 27.74
CA VAL C 127 -7.74 -3.13 28.32
C VAL C 127 -6.62 -4.15 28.18
N VAL C 128 -5.61 -3.78 27.41
CA VAL C 128 -4.50 -4.66 27.06
C VAL C 128 -3.19 -4.11 27.61
N TYR C 129 -2.30 -4.98 28.07
CA TYR C 129 -0.98 -4.51 28.46
C TYR C 129 0.08 -5.18 27.60
N VAL C 130 1.18 -4.47 27.39
CA VAL C 130 2.30 -4.99 26.60
C VAL C 130 3.60 -4.78 27.34
N LYS C 131 4.62 -5.54 26.96
CA LYS C 131 5.93 -5.43 27.59
C LYS C 131 7.03 -5.88 26.64
N GLY C 132 8.28 -5.68 27.04
CA GLY C 132 9.42 -6.15 26.27
C GLY C 132 9.50 -5.62 24.86
N ALA C 133 9.85 -6.52 23.94
CA ALA C 133 10.07 -6.17 22.55
C ALA C 133 8.81 -5.62 21.88
N ASP C 134 7.65 -6.13 22.31
CA ASP C 134 6.38 -5.71 21.75
C ASP C 134 6.08 -4.27 22.11
N ALA C 135 6.23 -3.97 23.40
CA ALA C 135 6.06 -2.61 23.91
C ALA C 135 7.04 -1.68 23.21
N ILE C 136 8.27 -2.14 23.02
CA ILE C 136 9.27 -1.35 22.32
C ILE C 136 8.86 -1.05 20.88
N LYS C 137 8.27 -2.04 20.20
CA LYS C 137 7.81 -1.85 18.82
C LYS C 137 6.73 -0.78 18.77
N LEU C 138 5.75 -0.94 19.66
CA LEU C 138 4.65 0.00 19.74
C LEU C 138 5.15 1.42 20.01
N MET C 139 6.06 1.55 20.96
CA MET C 139 6.61 2.85 21.31
C MET C 139 7.43 3.46 20.18
N ASN C 140 8.13 2.64 19.41
CA ASN C 140 8.87 3.17 18.27
C ASN C 140 7.91 3.76 17.25
N ILE C 141 6.82 3.03 17.00
CA ILE C 141 5.81 3.53 16.07
C ILE C 141 5.25 4.86 16.57
N VAL C 142 4.86 4.88 17.84
CA VAL C 142 4.35 6.09 18.48
C VAL C 142 5.32 7.27 18.35
N ASN C 143 6.61 6.99 18.53
CA ASN C 143 7.63 8.04 18.50
C ASN C 143 7.82 8.64 17.11
N LYS C 144 8.01 7.79 16.11
CA LYS C 144 8.36 8.28 14.78
C LYS C 144 7.18 8.77 13.93
N GLN C 145 6.08 8.01 13.93
CA GLN C 145 5.00 8.19 12.98
C GLN C 145 4.00 9.30 13.30
N LYS C 146 3.41 9.87 12.25
CA LYS C 146 2.40 10.91 12.38
C LYS C 146 1.01 10.37 12.69
N VAL C 147 0.65 9.26 12.05
CA VAL C 147 -0.66 8.64 12.28
C VAL C 147 -0.58 7.12 12.16
N ALA C 148 -1.28 6.41 13.05
CA ALA C 148 -1.28 4.95 13.03
C ALA C 148 -2.61 4.36 13.50
N ARG C 149 -3.07 3.31 12.82
CA ARG C 149 -4.30 2.65 13.23
C ARG C 149 -3.96 1.31 13.89
N ALA C 150 -4.60 1.03 15.01
CA ALA C 150 -4.37 -0.21 15.74
C ALA C 150 -5.54 -1.17 15.60
N ARG C 151 -5.21 -2.44 15.34
CA ARG C 151 -6.18 -3.52 15.26
C ARG C 151 -5.87 -4.55 16.35
N ILE C 152 -6.73 -4.59 17.37
CA ILE C 152 -6.55 -5.54 18.46
C ILE C 152 -7.45 -6.77 18.27
N GLN C 153 -6.82 -7.93 18.12
CA GLN C 153 -7.54 -9.16 17.85
C GLN C 153 -7.49 -10.16 18.98
N HIS C 154 -8.67 -10.68 19.29
CA HIS C 154 -8.87 -11.84 20.15
C HIS C 154 -9.05 -13.09 19.29
N LEU C 155 -8.01 -13.90 19.13
CA LEU C 155 -8.14 -15.10 18.30
C LEU C 155 -8.18 -16.41 19.07
N ALA C 156 -9.40 -16.92 19.24
CA ALA C 156 -9.66 -18.20 19.87
C ALA C 156 -9.70 -19.39 18.91
N ALA C 157 -10.66 -19.37 17.99
CA ALA C 157 -11.08 -20.61 17.33
C ALA C 157 -10.38 -20.92 16.02
N ALA C 158 -9.47 -20.05 15.61
CA ALA C 158 -8.67 -20.28 14.41
C ALA C 158 -9.51 -20.51 13.16
N LYS D 3 -19.58 -21.35 11.69
CA LYS D 3 -18.17 -21.12 11.45
C LYS D 3 -17.94 -19.74 10.82
N GLU D 4 -18.91 -19.29 10.03
CA GLU D 4 -18.79 -18.03 9.34
C GLU D 4 -19.73 -16.94 9.84
N THR D 5 -20.19 -17.05 11.09
CA THR D 5 -21.15 -16.08 11.61
C THR D 5 -20.46 -14.80 12.08
N ALA D 6 -21.03 -13.66 11.72
CA ALA D 6 -20.46 -12.36 12.06
C ALA D 6 -21.36 -11.57 12.96
N PHE D 7 -20.84 -11.09 14.09
CA PHE D 7 -21.65 -10.25 14.96
C PHE D 7 -21.33 -8.78 14.69
N VAL D 8 -22.36 -8.00 14.36
CA VAL D 8 -22.17 -6.60 14.04
C VAL D 8 -22.80 -5.72 15.10
N GLU D 9 -21.98 -4.92 15.76
CA GLU D 9 -22.47 -3.97 16.74
C GLU D 9 -22.43 -2.59 16.12
N VAL D 10 -23.58 -1.93 16.08
CA VAL D 10 -23.65 -0.59 15.54
C VAL D 10 -23.74 0.40 16.68
N VAL D 11 -22.79 1.33 16.70
CA VAL D 11 -22.66 2.28 17.78
C VAL D 11 -23.10 3.67 17.34
N LEU D 12 -24.06 4.21 18.07
CA LEU D 12 -24.51 5.57 17.90
C LEU D 12 -23.95 6.34 19.08
N PHE D 13 -23.27 7.46 18.81
CA PHE D 13 -22.59 8.16 19.89
C PHE D 13 -22.89 9.64 19.87
N GLU D 14 -22.91 10.23 21.06
CA GLU D 14 -23.17 11.65 21.22
C GLU D 14 -22.14 12.29 22.15
N SER D 15 -21.71 13.50 21.83
CA SER D 15 -20.73 14.21 22.65
C SER D 15 -21.42 15.22 23.55
N SER D 16 -21.00 15.26 24.82
CA SER D 16 -21.52 16.25 25.75
C SER D 16 -20.60 17.47 25.72
N PRO D 17 -21.07 18.61 26.24
CA PRO D 17 -20.21 19.80 26.35
C PRO D 17 -18.91 19.49 27.09
N SER D 18 -19.01 18.78 28.21
CA SER D 18 -17.84 18.35 28.97
C SER D 18 -16.78 17.67 28.10
N GLY D 19 -17.23 16.76 27.23
CA GLY D 19 -16.34 16.05 26.33
C GLY D 19 -16.49 14.54 26.45
N ASP D 20 -17.37 14.12 27.34
CA ASP D 20 -17.65 12.70 27.53
C ASP D 20 -18.65 12.19 26.50
N TYR D 21 -18.52 10.93 26.11
CA TYR D 21 -19.42 10.34 25.14
C TYR D 21 -20.54 9.52 25.79
N THR D 22 -21.77 9.80 25.36
CA THR D 22 -22.90 8.94 25.67
C THR D 22 -23.11 8.03 24.48
N THR D 23 -23.13 6.72 24.69
CA THR D 23 -23.26 5.81 23.58
C THR D 23 -24.50 4.93 23.67
N HIS D 24 -24.87 4.38 22.52
CA HIS D 24 -25.99 3.48 22.38
C HIS D 24 -25.63 2.44 21.33
N THR D 25 -25.65 1.18 21.72
CA THR D 25 -25.22 0.15 20.79
C THR D 25 -26.35 -0.82 20.51
N THR D 26 -26.43 -1.29 19.27
CA THR D 26 -27.42 -2.29 18.90
C THR D 26 -26.73 -3.42 18.16
N GLY D 27 -27.23 -4.64 18.32
CA GLY D 27 -26.60 -5.78 17.68
C GLY D 27 -27.39 -6.34 16.51
N LEU D 28 -26.67 -6.93 15.56
CA LEU D 28 -27.28 -7.62 14.44
C LEU D 28 -26.30 -8.67 13.91
N THR D 29 -26.77 -9.57 13.07
CA THR D 29 -25.94 -10.68 12.64
C THR D 29 -25.84 -10.82 11.12
N GLY D 30 -24.70 -11.33 10.67
CA GLY D 30 -24.51 -11.66 9.27
C GLY D 30 -23.59 -12.85 9.13
N ARG D 31 -22.97 -12.98 7.96
CA ARG D 31 -22.04 -14.07 7.70
C ARG D 31 -20.77 -13.54 7.04
N PHE D 32 -19.65 -14.15 7.40
CA PHE D 32 -18.40 -13.86 6.71
C PHE D 32 -18.38 -14.54 5.34
N SER D 33 -17.97 -13.79 4.33
CA SER D 33 -17.84 -14.35 3.00
C SER D 33 -16.41 -14.83 2.80
N ARG D 34 -16.25 -15.85 1.97
CA ARG D 34 -14.94 -16.43 1.72
C ARG D 34 -14.13 -15.55 0.77
N ALA D 35 -14.76 -14.48 0.28
CA ALA D 35 -14.11 -13.48 -0.55
C ALA D 35 -13.08 -12.67 0.23
N GLY D 36 -13.27 -12.60 1.55
CA GLY D 36 -12.43 -11.78 2.38
C GLY D 36 -11.86 -12.51 3.57
N ALA D 37 -10.94 -11.84 4.27
CA ALA D 37 -10.35 -12.37 5.49
C ALA D 37 -11.44 -12.69 6.51
N MET D 38 -11.12 -13.65 7.39
CA MET D 38 -12.00 -13.98 8.50
C MET D 38 -11.51 -13.24 9.73
N LEU D 39 -11.72 -11.93 9.75
CA LEU D 39 -11.18 -11.09 10.82
C LEU D 39 -12.22 -10.15 11.43
N SER D 40 -11.91 -9.68 12.62
CA SER D 40 -12.68 -8.63 13.26
C SER D 40 -12.34 -7.30 12.60
N ALA D 41 -13.24 -6.32 12.72
CA ALA D 41 -12.99 -5.00 12.13
C ALA D 41 -13.86 -3.95 12.83
N GLU D 42 -13.32 -2.74 12.96
CA GLU D 42 -14.07 -1.65 13.54
C GLU D 42 -13.81 -0.36 12.76
N GLY D 43 -14.84 0.47 12.60
CA GLY D 43 -14.68 1.67 11.81
C GLY D 43 -15.98 2.41 11.52
N GLU D 44 -15.86 3.70 11.24
CA GLU D 44 -16.99 4.54 10.83
C GLU D 44 -17.74 3.97 9.62
N ILE D 45 -19.06 3.87 9.75
CA ILE D 45 -19.91 3.36 8.67
C ILE D 45 -20.04 4.37 7.53
N VAL D 46 -19.81 3.91 6.31
CA VAL D 46 -19.98 4.72 5.11
C VAL D 46 -20.78 3.95 4.07
N GLN D 47 -21.99 4.41 3.78
CA GLN D 47 -22.79 3.76 2.74
C GLN D 47 -22.25 4.13 1.37
N MET D 48 -22.13 3.12 0.51
CA MET D 48 -21.67 3.36 -0.84
C MET D 48 -22.75 2.95 -1.83
N HIS D 49 -23.06 3.87 -2.74
CA HIS D 49 -23.98 3.59 -3.83
C HIS D 49 -23.27 2.60 -4.75
N PRO D 50 -24.02 1.66 -5.33
CA PRO D 50 -23.45 0.66 -6.26
C PRO D 50 -22.51 1.30 -7.30
N LEU D 51 -22.95 2.39 -7.92
CA LEU D 51 -22.10 3.11 -8.87
C LEU D 51 -20.94 3.84 -8.19
N GLY D 52 -20.97 3.93 -6.87
CA GLY D 52 -19.97 4.65 -6.12
C GLY D 52 -18.61 3.99 -6.07
N LEU D 53 -18.56 2.69 -6.38
CA LEU D 53 -17.30 1.96 -6.38
C LEU D 53 -16.84 1.65 -7.79
N CYS D 54 -17.45 2.32 -8.76
CA CYS D 54 -17.15 2.08 -10.17
C CYS D 54 -15.98 2.93 -10.65
N ASN D 55 -14.86 2.87 -9.94
CA ASN D 55 -13.70 3.68 -10.29
C ASN D 55 -13.17 3.37 -11.70
N ASN D 56 -12.99 4.42 -12.50
CA ASN D 56 -13.22 5.79 -12.04
C ASN D 56 -14.68 6.20 -12.25
N GLU D 59 -16.21 12.11 -8.98
CA GLU D 59 -16.61 10.99 -8.14
C GLU D 59 -15.47 10.63 -7.19
N GLU D 60 -14.34 11.32 -7.35
CA GLU D 60 -13.17 11.02 -6.53
C GLU D 60 -13.38 11.45 -5.09
N ASP D 61 -14.03 10.57 -4.33
CA ASP D 61 -14.28 10.82 -2.92
C ASP D 61 -13.22 10.12 -2.10
N LEU D 62 -12.57 10.85 -1.20
CA LEU D 62 -11.58 10.21 -0.35
C LEU D 62 -12.04 10.21 1.10
N TYR D 63 -11.92 9.04 1.73
CA TYR D 63 -12.28 8.87 3.11
C TYR D 63 -11.05 8.54 3.94
N GLU D 64 -11.12 8.81 5.24
CA GLU D 64 -10.05 8.44 6.15
C GLU D 64 -9.96 6.93 6.23
N TYR D 65 -8.73 6.41 6.18
CA TYR D 65 -8.47 4.98 6.23
C TYR D 65 -9.20 4.31 7.39
N GLY D 66 -9.81 3.16 7.11
CA GLY D 66 -10.41 2.34 8.14
C GLY D 66 -11.91 2.51 8.30
N TRP D 67 -12.59 2.81 7.20
CA TRP D 67 -14.05 2.94 7.24
C TRP D 67 -14.73 1.61 6.94
N VAL D 68 -15.97 1.46 7.39
CA VAL D 68 -16.74 0.26 7.12
C VAL D 68 -17.74 0.53 6.01
N GLY D 69 -17.45 0.01 4.82
CA GLY D 69 -18.34 0.16 3.67
C GLY D 69 -19.64 -0.60 3.82
N VAL D 70 -20.74 0.06 3.46
CA VAL D 70 -22.03 -0.59 3.46
C VAL D 70 -22.70 -0.43 2.10
N VAL D 71 -23.06 -1.56 1.48
CA VAL D 71 -23.61 -1.55 0.14
C VAL D 71 -24.91 -2.33 0.08
N LYS D 72 -25.98 -1.65 -0.32
CA LYS D 72 -27.26 -2.31 -0.52
C LYS D 72 -27.34 -2.73 -1.97
N LEU D 73 -27.28 -4.03 -2.21
CA LEU D 73 -27.32 -4.55 -3.57
C LEU D 73 -28.74 -4.55 -4.10
N GLU D 74 -28.88 -4.19 -5.37
CA GLU D 74 -30.18 -4.17 -6.01
C GLU D 74 -30.45 -5.50 -6.71
N GLN D 75 -31.71 -5.75 -7.06
CA GLN D 75 -32.07 -6.95 -7.81
C GLN D 75 -31.27 -6.93 -9.10
N PRO D 76 -30.77 -8.11 -9.50
CA PRO D 76 -29.83 -8.19 -10.63
C PRO D 76 -30.37 -7.60 -11.93
N GLU D 77 -31.68 -7.67 -12.11
CA GLU D 77 -32.32 -7.11 -13.29
C GLU D 77 -32.23 -5.59 -13.32
N LEU D 78 -32.25 -4.94 -12.15
CA LEU D 78 -32.10 -3.49 -12.12
C LEU D 78 -30.67 -3.08 -12.46
N ASP D 79 -29.74 -4.03 -12.45
CA ASP D 79 -28.36 -3.73 -12.82
C ASP D 79 -27.85 -4.80 -13.81
N PRO D 80 -28.33 -4.74 -15.06
CA PRO D 80 -27.99 -5.74 -16.07
C PRO D 80 -26.58 -5.59 -16.61
N LYS D 81 -26.05 -4.37 -16.56
CA LYS D 81 -24.71 -4.09 -17.08
C LYS D 81 -23.80 -3.52 -15.99
N PRO D 82 -23.38 -4.36 -15.04
CA PRO D 82 -22.55 -3.88 -13.94
C PRO D 82 -21.15 -3.48 -14.38
N CYS D 83 -20.67 -2.35 -13.89
CA CYS D 83 -19.33 -1.89 -14.21
C CYS D 83 -18.31 -2.84 -13.58
N LEU D 84 -18.67 -3.38 -12.42
CA LEU D 84 -17.82 -4.29 -11.67
C LEU D 84 -18.67 -5.38 -11.06
N THR D 85 -18.07 -6.54 -10.83
CA THR D 85 -18.73 -7.59 -10.07
C THR D 85 -18.79 -7.16 -8.62
N VAL D 86 -19.57 -7.86 -7.81
CA VAL D 86 -19.67 -7.54 -6.39
C VAL D 86 -18.30 -7.64 -5.75
N LEU D 87 -17.52 -8.64 -6.15
CA LEU D 87 -16.15 -8.78 -5.66
C LEU D 87 -15.29 -7.61 -6.07
N GLY D 88 -15.42 -7.20 -7.32
CA GLY D 88 -14.70 -6.03 -7.81
C GLY D 88 -14.98 -4.83 -6.94
N LYS D 89 -16.24 -4.68 -6.54
CA LYS D 89 -16.65 -3.58 -5.67
C LYS D 89 -16.05 -3.68 -4.27
N ALA D 90 -16.11 -4.87 -3.68
CA ALA D 90 -15.51 -5.12 -2.36
C ALA D 90 -14.01 -4.81 -2.37
N LYS D 91 -13.33 -5.36 -3.37
CA LYS D 91 -11.91 -5.19 -3.57
C LYS D 91 -11.56 -3.71 -3.73
N ARG D 92 -12.37 -3.02 -4.53
CA ARG D 92 -12.19 -1.61 -4.78
C ARG D 92 -12.32 -0.81 -3.48
N ALA D 93 -13.32 -1.16 -2.68
CA ALA D 93 -13.54 -0.51 -1.39
C ALA D 93 -12.33 -0.71 -0.48
N VAL D 94 -11.80 -1.93 -0.45
CA VAL D 94 -10.63 -2.21 0.38
C VAL D 94 -9.42 -1.42 -0.08
N GLN D 95 -9.21 -1.35 -1.40
CA GLN D 95 -8.12 -0.55 -1.96
C GLN D 95 -8.22 0.92 -1.54
N ARG D 96 -9.43 1.38 -1.32
CA ARG D 96 -9.69 2.77 -0.96
C ARG D 96 -9.83 2.93 0.54
N GLY D 97 -9.26 2.00 1.28
CA GLY D 97 -9.13 2.14 2.71
C GLY D 97 -10.25 1.64 3.60
N ALA D 98 -11.11 0.79 3.06
CA ALA D 98 -12.16 0.19 3.88
C ALA D 98 -11.55 -0.89 4.76
N THR D 99 -11.94 -0.92 6.03
CA THR D 99 -11.43 -1.94 6.94
C THR D 99 -12.32 -3.18 6.86
N ALA D 100 -13.51 -3.00 6.33
CA ALA D 100 -14.45 -4.08 6.13
C ALA D 100 -15.53 -3.65 5.15
N VAL D 101 -16.16 -4.62 4.50
CA VAL D 101 -17.25 -4.31 3.58
C VAL D 101 -18.49 -5.13 3.94
N ILE D 102 -19.61 -4.44 4.12
CA ILE D 102 -20.86 -5.12 4.40
C ILE D 102 -21.85 -4.96 3.26
N PHE D 103 -22.29 -6.09 2.70
CA PHE D 103 -23.28 -6.10 1.64
C PHE D 103 -24.67 -6.43 2.17
N ASP D 104 -25.67 -5.68 1.75
CA ASP D 104 -27.04 -6.11 1.94
C ASP D 104 -27.46 -6.87 0.69
N VAL D 105 -27.62 -8.18 0.83
CA VAL D 105 -27.82 -9.03 -0.34
C VAL D 105 -29.23 -9.62 -0.41
N SER D 106 -30.15 -9.07 0.36
CA SER D 106 -31.51 -9.58 0.40
C SER D 106 -32.18 -9.57 -0.98
N GLU D 107 -31.99 -8.48 -1.72
CA GLU D 107 -32.59 -8.34 -3.05
C GLU D 107 -31.76 -9.04 -4.13
N ASN D 108 -30.58 -9.54 -3.75
CA ASN D 108 -29.68 -10.21 -4.69
C ASN D 108 -28.95 -11.38 -4.05
N PRO D 109 -29.69 -12.47 -3.76
CA PRO D 109 -29.10 -13.65 -3.10
C PRO D 109 -27.95 -14.24 -3.90
N GLU D 110 -28.04 -14.16 -5.21
CA GLU D 110 -27.04 -14.74 -6.10
C GLU D 110 -25.64 -14.19 -5.82
N ALA D 111 -25.60 -12.94 -5.36
CA ALA D 111 -24.34 -12.26 -5.04
C ALA D 111 -23.54 -13.05 -4.01
N ILE D 112 -24.24 -13.69 -3.08
CA ILE D 112 -23.59 -14.53 -2.07
C ILE D 112 -22.64 -15.51 -2.75
N ASP D 113 -23.11 -16.13 -3.84
CA ASP D 113 -22.30 -17.10 -4.54
C ASP D 113 -21.00 -16.48 -5.06
N GLN D 114 -21.05 -15.27 -5.60
CA GLN D 114 -19.78 -14.64 -6.00
C GLN D 114 -18.95 -14.26 -4.77
N LEU D 115 -19.60 -13.91 -3.68
CA LEU D 115 -18.85 -13.60 -2.46
C LEU D 115 -18.18 -14.85 -1.94
N ASN D 116 -18.90 -15.97 -1.93
CA ASN D 116 -18.36 -17.23 -1.44
C ASN D 116 -17.49 -17.95 -2.46
N GLN D 117 -17.24 -17.32 -3.60
CA GLN D 117 -16.42 -17.93 -4.65
C GLN D 117 -15.05 -17.29 -4.71
N GLY D 118 -14.93 -16.07 -4.21
CA GLY D 118 -13.67 -15.35 -4.23
C GLY D 118 -12.66 -15.94 -3.27
N SER D 119 -12.83 -17.22 -2.97
CA SER D 119 -12.04 -17.93 -1.98
C SER D 119 -10.62 -18.09 -2.46
N GLU D 120 -10.47 -18.04 -3.78
CA GLU D 120 -9.19 -18.22 -4.46
C GLU D 120 -8.12 -17.33 -3.84
N ASP D 121 -8.06 -16.08 -4.27
CA ASP D 121 -7.29 -15.05 -3.56
C ASP D 121 -8.24 -14.14 -2.76
N PRO D 122 -8.49 -14.48 -1.48
CA PRO D 122 -9.38 -13.68 -0.62
C PRO D 122 -8.79 -12.32 -0.25
N LEU D 123 -9.63 -11.31 -0.06
CA LEU D 123 -9.18 -9.97 0.30
C LEU D 123 -8.57 -9.99 1.71
N LYS D 124 -7.74 -9.00 2.02
CA LYS D 124 -7.08 -8.98 3.33
C LYS D 124 -8.03 -8.48 4.41
N ARG D 125 -9.15 -7.89 4.00
CA ARG D 125 -10.12 -7.37 4.95
C ARG D 125 -11.44 -8.15 4.88
N PRO D 126 -12.21 -8.15 5.98
CA PRO D 126 -13.44 -8.93 6.02
C PRO D 126 -14.55 -8.40 5.12
N VAL D 127 -15.21 -9.32 4.44
CA VAL D 127 -16.42 -9.04 3.68
C VAL D 127 -17.60 -9.81 4.27
N VAL D 128 -18.58 -9.08 4.78
CA VAL D 128 -19.72 -9.66 5.48
C VAL D 128 -20.99 -9.37 4.71
N TYR D 129 -21.94 -10.31 4.67
CA TYR D 129 -23.25 -9.99 4.08
C TYR D 129 -24.36 -10.15 5.10
N VAL D 130 -25.41 -9.36 4.94
CA VAL D 130 -26.57 -9.43 5.82
C VAL D 130 -27.86 -9.47 5.01
N LYS D 131 -28.92 -9.97 5.64
CA LYS D 131 -30.23 -10.03 5.00
C LYS D 131 -31.33 -10.08 6.05
N GLY D 132 -32.58 -10.01 5.62
CA GLY D 132 -33.72 -10.04 6.52
C GLY D 132 -33.77 -8.89 7.51
N ALA D 133 -34.13 -9.22 8.75
CA ALA D 133 -34.33 -8.20 9.78
C ALA D 133 -33.04 -7.45 10.10
N ASP D 134 -31.92 -8.14 9.97
CA ASP D 134 -30.62 -7.55 10.25
C ASP D 134 -30.30 -6.48 9.22
N ALA D 135 -30.47 -6.83 7.94
CA ALA D 135 -30.27 -5.87 6.86
C ALA D 135 -31.21 -4.69 6.96
N ILE D 136 -32.47 -4.94 7.29
CA ILE D 136 -33.42 -3.83 7.44
C ILE D 136 -32.98 -2.90 8.58
N LYS D 137 -32.49 -3.49 9.67
CA LYS D 137 -32.01 -2.70 10.80
C LYS D 137 -30.81 -1.84 10.41
N LEU D 138 -29.83 -2.46 9.74
CA LEU D 138 -28.64 -1.75 9.28
C LEU D 138 -28.99 -0.59 8.34
N MET D 139 -29.89 -0.85 7.38
CA MET D 139 -30.29 0.19 6.44
C MET D 139 -31.04 1.30 7.15
N ASN D 140 -31.79 0.94 8.19
CA ASN D 140 -32.49 1.93 8.98
C ASN D 140 -31.51 2.87 9.69
N ILE D 141 -30.47 2.28 10.27
CA ILE D 141 -29.41 3.05 10.91
C ILE D 141 -28.75 3.97 9.91
N VAL D 142 -28.39 3.43 8.75
CA VAL D 142 -27.79 4.21 7.68
C VAL D 142 -28.67 5.39 7.27
N ASN D 143 -29.98 5.17 7.18
CA ASN D 143 -30.89 6.22 6.75
C ASN D 143 -31.07 7.33 7.78
N LYS D 144 -31.36 6.97 9.03
CA LYS D 144 -31.68 8.00 10.02
C LYS D 144 -30.47 8.72 10.62
N GLN D 145 -29.44 7.97 10.98
CA GLN D 145 -28.36 8.52 11.80
C GLN D 145 -27.32 9.33 11.01
N LYS D 146 -26.74 10.33 11.68
CA LYS D 146 -25.72 11.18 11.07
C LYS D 146 -24.35 10.51 11.07
N VAL D 147 -24.04 9.81 12.16
CA VAL D 147 -22.76 9.13 12.26
C VAL D 147 -22.93 7.83 13.05
N ALA D 148 -22.26 6.78 12.59
CA ALA D 148 -22.36 5.48 13.24
C ALA D 148 -21.05 4.70 13.11
N ARG D 149 -20.65 4.04 14.18
CA ARG D 149 -19.45 3.20 14.15
C ARG D 149 -19.84 1.74 14.14
N ALA D 150 -19.19 0.95 13.28
CA ALA D 150 -19.48 -0.47 13.20
C ALA D 150 -18.34 -1.27 13.83
N ARG D 151 -18.72 -2.24 14.64
CA ARG D 151 -17.80 -3.18 15.25
C ARG D 151 -18.15 -4.57 14.75
N ILE D 152 -17.31 -5.12 13.89
CA ILE D 152 -17.54 -6.46 13.39
C ILE D 152 -16.68 -7.47 14.14
N GLN D 153 -17.33 -8.42 14.78
CA GLN D 153 -16.65 -9.43 15.59
C GLN D 153 -16.75 -10.74 14.85
N HIS D 154 -15.62 -11.43 14.74
CA HIS D 154 -15.59 -12.77 14.16
C HIS D 154 -15.71 -13.80 15.26
N LEU D 155 -16.94 -14.27 15.43
CA LEU D 155 -17.31 -15.26 16.43
C LEU D 155 -16.45 -16.52 16.48
N ALA D 156 -16.22 -17.12 15.32
CA ALA D 156 -15.43 -18.34 15.27
C ALA D 156 -13.94 -18.03 15.21
N GLY E 8 -4.32 -26.38 7.16
CA GLY E 8 -3.56 -27.60 7.31
C GLY E 8 -4.10 -28.50 8.40
N SER E 9 -5.33 -28.97 8.20
CA SER E 9 -6.05 -29.69 9.23
C SER E 9 -6.10 -31.21 8.99
N GLN E 10 -5.42 -31.68 7.94
CA GLN E 10 -5.50 -33.09 7.58
C GLN E 10 -4.15 -33.74 7.28
N ALA E 11 -4.12 -35.07 7.26
CA ALA E 11 -2.91 -35.82 6.96
C ALA E 11 -2.44 -35.55 5.54
N CYS E 12 -1.39 -36.25 5.10
CA CYS E 12 -0.82 -35.95 3.80
C CYS E 12 -1.62 -36.53 2.62
N ALA E 13 -0.93 -36.81 1.52
CA ALA E 13 -1.60 -37.24 0.30
C ALA E 13 -1.49 -38.75 0.08
N LYS E 14 -2.38 -39.25 -0.76
CA LYS E 14 -2.52 -40.68 -1.08
C LYS E 14 -1.23 -41.50 -1.06
N GLY E 15 -0.29 -41.19 -1.94
CA GLY E 15 0.92 -41.98 -2.04
C GLY E 15 2.09 -41.38 -1.30
N CYS E 16 1.81 -40.36 -0.49
CA CYS E 16 2.86 -39.66 0.23
C CYS E 16 2.98 -40.15 1.67
N GLU E 17 4.19 -40.50 2.11
CA GLU E 17 4.38 -40.96 3.48
C GLU E 17 5.04 -39.91 4.38
N LEU E 18 5.60 -38.88 3.78
CA LEU E 18 6.20 -37.79 4.54
C LEU E 18 5.73 -36.45 4.00
N CYS E 19 4.95 -35.75 4.82
CA CYS E 19 4.20 -34.59 4.38
C CYS E 19 4.59 -33.30 5.13
N SER E 20 4.36 -32.17 4.49
CA SER E 20 4.56 -30.85 5.10
C SER E 20 3.53 -29.87 4.58
N GLU E 21 3.02 -28.99 5.45
CA GLU E 21 2.09 -27.96 5.01
C GLU E 21 2.72 -27.07 3.95
N VAL E 22 3.91 -26.57 4.25
CA VAL E 22 4.62 -25.68 3.35
C VAL E 22 5.14 -26.43 2.13
N ASN E 23 5.92 -27.47 2.36
CA ASN E 23 6.62 -28.15 1.29
C ASN E 23 5.82 -29.24 0.58
N GLY E 24 4.60 -29.47 1.03
CA GLY E 24 3.79 -30.53 0.46
C GLY E 24 4.40 -31.88 0.78
N CYS E 25 4.56 -32.72 -0.23
CA CYS E 25 5.08 -34.06 0.00
C CYS E 25 6.61 -34.06 0.01
N LEU E 26 7.18 -34.79 0.96
CA LEU E 26 8.64 -34.86 1.12
C LEU E 26 9.19 -36.21 0.67
N LYS E 27 8.37 -37.26 0.81
CA LYS E 27 8.78 -38.61 0.43
C LYS E 27 7.59 -39.42 -0.08
N CYS E 28 7.76 -40.05 -1.24
CA CYS E 28 6.70 -40.85 -1.83
C CYS E 28 6.87 -42.33 -1.55
N SER E 29 5.79 -43.09 -1.78
CA SER E 29 5.84 -44.54 -1.73
C SER E 29 6.82 -45.02 -2.78
N PRO E 30 7.54 -46.12 -2.51
CA PRO E 30 8.69 -46.54 -3.34
C PRO E 30 8.42 -46.64 -4.84
N LYS E 31 7.26 -47.16 -5.24
CA LYS E 31 6.91 -47.24 -6.65
C LYS E 31 6.62 -45.90 -7.31
N LEU E 32 6.20 -44.91 -6.53
CA LEU E 32 5.70 -43.67 -7.09
C LEU E 32 6.80 -42.64 -7.34
N PHE E 33 6.44 -41.58 -8.05
CA PHE E 33 7.37 -40.51 -8.41
C PHE E 33 7.00 -39.22 -7.69
N ILE E 34 8.01 -38.51 -7.20
CA ILE E 34 7.76 -37.21 -6.62
C ILE E 34 7.99 -36.16 -7.70
N LEU E 35 7.10 -35.18 -7.75
CA LEU E 35 7.17 -34.11 -8.73
C LEU E 35 7.05 -32.77 -8.00
N LEU E 36 7.97 -31.85 -8.28
CA LEU E 36 7.91 -30.54 -7.67
C LEU E 36 7.09 -29.59 -8.53
N GLU E 37 5.94 -29.19 -7.99
CA GLU E 37 5.02 -28.29 -8.66
C GLU E 37 5.21 -26.85 -8.16
N ARG E 38 5.51 -25.95 -9.08
CA ARG E 38 5.61 -24.54 -8.72
C ARG E 38 4.28 -23.85 -9.00
N ASN E 39 3.59 -23.52 -7.92
CA ASN E 39 2.36 -22.75 -7.98
C ASN E 39 2.58 -21.45 -7.23
N ASP E 40 2.58 -20.36 -7.98
CA ASP E 40 2.88 -19.04 -7.42
C ASP E 40 4.28 -19.08 -6.84
N ILE E 41 4.45 -18.53 -5.64
CA ILE E 41 5.70 -18.59 -4.93
C ILE E 41 6.04 -20.01 -4.45
N ARG E 42 5.01 -20.81 -4.19
CA ARG E 42 5.17 -22.11 -3.56
C ARG E 42 5.76 -23.17 -4.48
N GLN E 43 6.61 -24.02 -3.92
CA GLN E 43 7.06 -25.23 -4.60
C GLN E 43 6.69 -26.46 -3.76
N VAL E 44 5.76 -27.27 -4.24
CA VAL E 44 5.23 -28.35 -3.41
C VAL E 44 5.45 -29.72 -4.02
N GLY E 45 5.78 -30.69 -3.18
CA GLY E 45 5.94 -32.06 -3.62
C GLY E 45 4.60 -32.71 -3.87
N VAL E 46 4.52 -33.52 -4.93
CA VAL E 46 3.28 -34.18 -5.27
C VAL E 46 3.61 -35.60 -5.76
N CYS E 47 2.82 -36.59 -5.35
CA CYS E 47 3.13 -37.99 -5.64
C CYS E 47 2.31 -38.50 -6.81
N LEU E 48 3.00 -39.11 -7.77
CA LEU E 48 2.39 -39.48 -9.04
C LEU E 48 2.73 -40.93 -9.43
N PRO E 49 1.79 -41.61 -10.10
CA PRO E 49 2.09 -42.95 -10.61
C PRO E 49 3.03 -42.88 -11.80
N SER E 50 2.78 -41.92 -12.68
CA SER E 50 3.57 -41.71 -13.88
C SER E 50 3.92 -40.23 -14.07
N CYS E 51 4.97 -39.95 -14.84
CA CYS E 51 5.36 -38.58 -15.13
C CYS E 51 4.46 -37.94 -16.18
N PRO E 52 4.06 -36.67 -15.96
CA PRO E 52 3.22 -35.94 -16.91
C PRO E 52 4.01 -35.59 -18.17
N PRO E 53 3.33 -35.15 -19.24
CA PRO E 53 4.07 -34.76 -20.44
C PRO E 53 4.98 -33.56 -20.14
N GLY E 54 6.17 -33.54 -20.70
CA GLY E 54 7.11 -32.47 -20.45
C GLY E 54 8.18 -32.95 -19.48
N TYR E 55 7.79 -33.90 -18.64
CA TYR E 55 8.70 -34.45 -17.64
C TYR E 55 9.19 -35.82 -18.08
N PHE E 56 10.32 -36.25 -17.56
CA PHE E 56 10.77 -37.60 -17.80
C PHE E 56 11.03 -38.40 -16.53
N ASP E 57 11.09 -39.71 -16.75
CA ASP E 57 11.16 -40.79 -15.78
C ASP E 57 12.56 -40.97 -15.20
N ALA E 58 13.02 -40.05 -14.35
CA ALA E 58 14.39 -40.18 -13.84
C ALA E 58 14.43 -41.24 -12.74
N ARG E 59 14.84 -42.43 -13.17
CA ARG E 59 14.93 -43.67 -12.38
C ARG E 59 16.06 -43.76 -11.35
N ASN E 60 15.89 -43.16 -10.18
CA ASN E 60 16.94 -43.21 -9.14
C ASN E 60 16.80 -44.29 -8.05
N PRO E 61 17.92 -44.93 -7.68
CA PRO E 61 17.94 -45.96 -6.63
C PRO E 61 17.44 -45.46 -5.28
N ASP E 62 17.51 -44.15 -5.04
CA ASP E 62 17.06 -43.60 -3.76
C ASP E 62 15.68 -42.94 -3.79
N MET E 63 15.38 -42.19 -4.84
CA MET E 63 14.07 -41.55 -4.97
C MET E 63 13.64 -41.49 -6.44
N ASN E 64 12.38 -41.75 -6.72
CA ASN E 64 11.92 -41.62 -8.09
C ASN E 64 11.44 -40.19 -8.35
N LYS E 65 12.03 -39.57 -9.36
CA LYS E 65 11.75 -38.18 -9.68
CA LYS E 65 11.74 -38.17 -9.67
C LYS E 65 11.10 -38.01 -11.05
N CYS E 66 10.22 -37.03 -11.16
CA CYS E 66 9.76 -36.60 -12.47
C CYS E 66 10.52 -35.33 -12.76
N ILE E 67 11.33 -35.31 -13.80
CA ILE E 67 12.13 -34.11 -14.02
C ILE E 67 11.74 -33.39 -15.31
N LYS E 68 11.59 -32.07 -15.23
CA LYS E 68 11.19 -31.28 -16.38
C LYS E 68 12.21 -31.37 -17.49
N CYS E 69 11.75 -31.60 -18.72
CA CYS E 69 12.65 -31.62 -19.85
C CYS E 69 12.84 -30.16 -20.26
N LYS E 70 14.06 -29.83 -20.68
CA LYS E 70 14.40 -28.44 -20.99
C LYS E 70 14.65 -28.27 -22.48
N ILE E 71 14.50 -29.35 -23.23
CA ILE E 71 14.78 -29.31 -24.65
C ILE E 71 13.48 -28.95 -25.34
N GLU E 72 13.62 -28.18 -26.41
CA GLU E 72 12.46 -27.58 -27.03
C GLU E 72 12.15 -28.38 -28.27
N HIS E 73 10.85 -28.60 -28.45
CA HIS E 73 10.29 -29.47 -29.47
C HIS E 73 10.73 -30.90 -29.18
N CYS E 74 10.66 -31.29 -27.90
CA CYS E 74 10.98 -32.65 -27.47
C CYS E 74 9.76 -33.28 -26.79
N GLU E 75 9.49 -34.55 -27.10
CA GLU E 75 8.40 -35.30 -26.47
C GLU E 75 8.92 -36.31 -25.44
N ALA E 76 10.15 -36.77 -25.63
CA ALA E 76 10.76 -37.68 -24.67
C ALA E 76 12.27 -37.50 -24.63
N CYS E 77 12.79 -37.10 -23.48
CA CYS E 77 14.21 -36.83 -23.35
C CYS E 77 14.87 -37.73 -22.31
N PHE E 78 16.12 -38.11 -22.59
CA PHE E 78 16.87 -39.00 -21.74
C PHE E 78 17.29 -38.29 -20.45
N SER E 79 17.61 -37.02 -20.58
CA SER E 79 17.94 -36.17 -19.44
C SER E 79 17.37 -34.79 -19.72
N HIS E 80 17.65 -33.82 -18.86
CA HIS E 80 17.06 -32.51 -19.02
C HIS E 80 17.58 -31.78 -20.24
N ASN E 81 18.83 -32.05 -20.63
CA ASN E 81 19.34 -31.42 -21.84
C ASN E 81 19.69 -32.37 -22.99
N PHE E 82 19.66 -33.68 -22.76
CA PHE E 82 19.81 -34.59 -23.89
C PHE E 82 18.43 -35.14 -24.26
N CYS E 83 18.17 -35.31 -25.55
CA CYS E 83 16.88 -35.81 -26.02
C CYS E 83 17.03 -37.11 -26.80
N THR E 84 16.10 -38.05 -26.60
CA THR E 84 16.18 -39.34 -27.28
C THR E 84 15.35 -39.44 -28.56
N LYS E 85 14.18 -38.79 -28.52
CA LYS E 85 13.25 -38.79 -29.65
C LYS E 85 12.70 -37.36 -29.84
N CYS E 86 12.61 -36.89 -31.09
CA CYS E 86 12.12 -35.52 -31.30
C CYS E 86 10.74 -35.50 -31.94
N LYS E 87 9.96 -34.45 -31.65
CA LYS E 87 8.60 -34.38 -32.18
C LYS E 87 8.59 -34.33 -33.70
N GLU E 88 7.57 -34.93 -34.30
CA GLU E 88 7.41 -34.96 -35.74
C GLU E 88 7.04 -33.57 -36.28
N GLY E 89 7.74 -33.13 -37.33
CA GLY E 89 8.80 -33.91 -37.94
C GLY E 89 10.13 -33.20 -37.86
N LEU E 90 10.74 -33.25 -36.68
CA LEU E 90 12.02 -32.58 -36.46
C LEU E 90 13.16 -33.58 -36.36
N TYR E 91 14.36 -33.08 -36.61
CA TYR E 91 15.55 -33.91 -36.67
C TYR E 91 16.34 -33.77 -35.39
N LEU E 92 16.93 -34.88 -34.96
CA LEU E 92 17.64 -34.92 -33.69
C LEU E 92 19.15 -34.87 -33.88
N HIS E 93 19.73 -33.72 -33.58
CA HIS E 93 21.17 -33.60 -33.56
C HIS E 93 21.58 -33.53 -32.09
N LYS E 94 22.86 -33.78 -31.85
CA LYS E 94 23.45 -34.04 -30.54
C LYS E 94 22.56 -33.79 -29.31
N GLY E 95 21.48 -34.55 -29.19
CA GLY E 95 20.59 -34.41 -28.06
C GLY E 95 19.56 -33.31 -28.17
N ARG E 96 19.54 -32.59 -29.29
CA ARG E 96 18.64 -31.44 -29.43
C ARG E 96 17.79 -31.55 -30.69
N CYS E 97 16.64 -30.88 -30.66
CA CYS E 97 15.72 -30.91 -31.80
C CYS E 97 15.80 -29.68 -32.70
N TYR E 98 15.84 -29.93 -34.00
CA TYR E 98 15.87 -28.86 -34.99
C TYR E 98 14.89 -29.13 -36.13
N PRO E 99 14.21 -28.08 -36.62
CA PRO E 99 13.36 -28.19 -37.81
C PRO E 99 14.16 -28.53 -39.07
N ALA E 100 15.47 -28.37 -38.97
CA ALA E 100 16.39 -28.67 -40.06
C ALA E 100 17.74 -29.08 -39.49
N CYS E 101 18.30 -30.16 -40.01
CA CYS E 101 19.59 -30.67 -39.52
C CYS E 101 20.61 -29.54 -39.53
N PRO E 102 21.33 -29.38 -38.40
CA PRO E 102 22.24 -28.24 -38.18
C PRO E 102 23.39 -28.19 -39.16
N GLU E 103 24.18 -27.13 -39.12
CA GLU E 103 25.16 -26.94 -40.17
C GLU E 103 26.38 -27.73 -39.77
N GLY E 104 26.80 -28.55 -40.72
CA GLY E 104 27.73 -29.61 -40.48
C GLY E 104 27.09 -30.74 -41.26
N SER E 105 27.63 -31.94 -41.18
CA SER E 105 27.05 -33.04 -41.94
C SER E 105 25.65 -33.35 -41.42
N SER E 106 24.90 -34.16 -42.18
CA SER E 106 23.54 -34.45 -41.79
C SER E 106 23.01 -35.76 -42.38
N ALA E 107 22.07 -36.34 -41.64
CA ALA E 107 21.36 -37.54 -42.04
C ALA E 107 20.73 -37.50 -43.44
N ALA E 108 19.62 -36.77 -43.53
CA ALA E 108 18.77 -36.75 -44.73
C ALA E 108 18.46 -38.17 -45.19
N ASN E 109 17.62 -38.84 -44.41
CA ASN E 109 17.20 -40.22 -44.64
C ASN E 109 18.33 -41.22 -44.88
N GLY E 110 19.14 -41.55 -43.87
CA GLY E 110 19.25 -40.87 -42.58
C GLY E 110 18.00 -40.76 -41.73
N THR E 111 17.44 -41.90 -41.34
CA THR E 111 15.99 -42.02 -41.11
C THR E 111 15.36 -40.89 -40.29
N MET E 112 16.15 -40.24 -39.43
CA MET E 112 15.66 -39.14 -38.58
C MET E 112 16.69 -38.62 -37.56
N GLU E 113 17.88 -39.21 -37.51
CA GLU E 113 18.89 -38.71 -36.58
C GLU E 113 20.07 -38.19 -37.38
N CYS E 114 20.55 -37.00 -37.04
CA CYS E 114 21.54 -36.30 -37.84
C CYS E 114 22.96 -36.81 -37.68
N SER E 115 23.31 -37.77 -38.55
CA SER E 115 24.65 -38.31 -38.70
C SER E 115 24.97 -38.32 -40.19
N SER E 116 26.15 -37.88 -40.63
CA SER E 116 27.38 -37.66 -39.87
C SER E 116 27.36 -36.43 -38.93
N PRO E 117 28.39 -36.28 -38.05
CA PRO E 117 28.49 -35.15 -37.10
C PRO E 117 27.73 -33.88 -37.47
N CYS F 12 22.77 18.51 -33.15
CA CYS F 12 22.13 17.43 -32.41
C CYS F 12 21.20 16.56 -33.24
N ALA F 13 19.89 16.76 -33.03
CA ALA F 13 18.83 15.95 -33.65
C ALA F 13 18.03 16.60 -34.80
N LYS F 14 17.34 15.76 -35.57
CA LYS F 14 16.49 16.11 -36.72
C LYS F 14 15.80 17.48 -36.59
N GLY F 15 14.65 17.45 -35.93
CA GLY F 15 13.79 18.61 -35.76
C GLY F 15 13.90 19.19 -34.37
N CYS F 16 14.93 18.77 -33.65
CA CYS F 16 15.11 19.14 -32.25
C CYS F 16 16.04 20.32 -32.05
N GLU F 17 15.61 21.27 -31.22
CA GLU F 17 16.40 22.47 -30.92
C GLU F 17 17.09 22.40 -29.56
N LEU F 18 16.73 21.42 -28.75
CA LEU F 18 17.36 21.22 -27.44
C LEU F 18 17.78 19.77 -27.26
N CYS F 19 19.09 19.55 -27.27
CA CYS F 19 19.66 18.23 -27.44
C CYS F 19 20.40 17.74 -26.20
N SER F 20 20.43 16.43 -26.01
CA SER F 20 21.21 15.82 -24.94
C SER F 20 21.69 14.43 -25.35
N GLU F 21 22.92 14.08 -24.98
CA GLU F 21 23.43 12.74 -25.22
C GLU F 21 22.61 11.67 -24.50
N VAL F 22 22.38 11.86 -23.21
CA VAL F 22 21.65 10.88 -22.41
C VAL F 22 20.16 10.81 -22.76
N ASN F 23 19.46 11.93 -22.64
CA ASN F 23 18.01 11.95 -22.79
C ASN F 23 17.54 12.12 -24.24
N GLY F 24 18.48 12.24 -25.16
CA GLY F 24 18.12 12.52 -26.55
C GLY F 24 17.54 13.92 -26.68
N CYS F 25 16.38 14.02 -27.32
CA CYS F 25 15.78 15.33 -27.57
C CYS F 25 14.91 15.79 -26.41
N LEU F 26 15.05 17.07 -26.06
CA LEU F 26 14.33 17.64 -24.94
C LEU F 26 13.21 18.54 -25.42
N LYS F 27 13.45 19.21 -26.55
CA LYS F 27 12.46 20.09 -27.14
C LYS F 27 12.63 20.12 -28.65
N CYS F 28 11.56 19.85 -29.38
CA CYS F 28 11.60 19.89 -30.84
C CYS F 28 11.00 21.19 -31.30
N SER F 29 11.19 21.49 -32.58
CA SER F 29 10.58 22.67 -33.17
C SER F 29 9.06 22.60 -33.03
N PRO F 30 8.43 23.77 -32.82
CA PRO F 30 7.00 23.93 -32.52
C PRO F 30 6.13 23.17 -33.51
N LYS F 31 6.59 23.08 -34.74
CA LYS F 31 5.88 22.39 -35.80
C LYS F 31 5.74 20.90 -35.48
N LEU F 32 6.74 20.37 -34.78
CA LEU F 32 6.88 18.93 -34.54
C LEU F 32 6.28 18.41 -33.23
N PHE F 33 6.27 17.08 -33.13
CA PHE F 33 5.76 16.34 -31.98
C PHE F 33 6.93 15.63 -31.28
N ILE F 34 6.93 15.63 -29.96
CA ILE F 34 7.93 14.86 -29.22
C ILE F 34 7.37 13.49 -28.81
N LEU F 35 8.17 12.46 -29.04
CA LEU F 35 7.81 11.08 -28.77
C LEU F 35 8.94 10.39 -27.98
N LEU F 36 8.59 9.72 -26.88
CA LEU F 36 9.59 9.01 -26.08
C LEU F 36 9.76 7.56 -26.52
N GLU F 37 10.98 7.26 -26.99
CA GLU F 37 11.35 5.94 -27.48
C GLU F 37 12.03 5.11 -26.38
N ARG F 38 11.49 3.93 -26.11
CA ARG F 38 12.09 3.00 -25.15
C ARG F 38 12.97 1.93 -25.78
N ASN F 39 14.28 2.05 -25.57
CA ASN F 39 15.21 1.01 -25.98
CA ASN F 39 15.22 1.03 -25.99
C ASN F 39 16.27 0.78 -24.90
N ASP F 40 16.63 -0.48 -24.70
CA ASP F 40 17.62 -0.85 -23.69
C ASP F 40 17.12 -0.40 -22.33
N ILE F 41 18.03 0.15 -21.55
CA ILE F 41 17.69 0.86 -20.31
C ILE F 41 17.04 2.20 -20.65
N ARG F 42 17.44 2.72 -21.82
CA ARG F 42 17.22 4.11 -22.22
C ARG F 42 15.78 4.52 -22.60
N GLN F 43 15.42 5.74 -22.22
CA GLN F 43 14.21 6.39 -22.75
C GLN F 43 14.66 7.70 -23.41
N VAL F 44 14.50 7.79 -24.73
CA VAL F 44 15.07 8.90 -25.47
C VAL F 44 14.02 9.73 -26.20
N GLY F 45 14.18 11.04 -26.18
CA GLY F 45 13.29 11.95 -26.88
C GLY F 45 13.53 11.95 -28.38
N VAL F 46 12.44 12.00 -29.15
CA VAL F 46 12.53 11.97 -30.60
C VAL F 46 11.48 12.89 -31.23
N CYS F 47 11.86 13.65 -32.26
CA CYS F 47 10.92 14.61 -32.86
C CYS F 47 10.40 14.13 -34.22
N LEU F 48 9.08 14.16 -34.39
CA LEU F 48 8.44 13.64 -35.60
C LEU F 48 7.40 14.64 -36.11
N PRO F 49 7.21 14.71 -37.45
CA PRO F 49 6.24 15.67 -38.01
C PRO F 49 4.78 15.31 -37.73
N SER F 50 4.48 14.02 -37.81
CA SER F 50 3.14 13.53 -37.57
C SER F 50 3.23 12.36 -36.60
N CYS F 51 2.14 12.03 -35.95
CA CYS F 51 2.14 10.92 -35.02
C CYS F 51 2.12 9.60 -35.78
N PRO F 52 2.91 8.62 -35.31
CA PRO F 52 2.97 7.29 -35.91
C PRO F 52 1.64 6.56 -35.70
N PRO F 53 1.41 5.42 -36.38
CA PRO F 53 0.08 4.80 -36.30
C PRO F 53 -0.37 4.43 -34.88
N GLY F 54 0.54 3.87 -34.10
CA GLY F 54 0.22 3.48 -32.73
C GLY F 54 -0.11 4.65 -31.83
N TYR F 55 0.42 5.83 -32.14
CA TYR F 55 0.28 6.97 -31.25
C TYR F 55 -0.85 7.90 -31.69
N PHE F 56 -1.38 8.69 -30.76
CA PHE F 56 -2.39 9.68 -31.12
C PHE F 56 -2.05 11.12 -30.76
N ASP F 57 -2.87 12.04 -31.29
CA ASP F 57 -2.58 13.46 -31.28
C ASP F 57 -2.78 14.08 -29.89
N ALA F 58 -4.01 13.97 -29.37
CA ALA F 58 -4.46 14.59 -28.11
C ALA F 58 -3.55 15.73 -27.65
N ARG F 59 -3.98 16.95 -27.93
CA ARG F 59 -3.12 18.09 -27.69
C ARG F 59 -2.94 18.40 -26.20
N ASN F 60 -1.77 18.95 -25.91
CA ASN F 60 -1.36 19.36 -24.58
C ASN F 60 -1.03 20.85 -24.68
N PRO F 61 -1.46 21.65 -23.70
CA PRO F 61 -1.20 23.08 -23.88
C PRO F 61 0.29 23.38 -23.95
N ASP F 62 0.69 24.11 -25.00
CA ASP F 62 2.06 24.59 -25.19
C ASP F 62 3.04 23.56 -25.76
N MET F 63 2.75 22.28 -25.65
CA MET F 63 3.65 21.35 -26.34
C MET F 63 2.87 20.11 -26.84
N ASN F 64 3.26 19.62 -28.02
CA ASN F 64 2.65 18.47 -28.71
C ASN F 64 3.26 17.09 -28.40
N LYS F 65 2.39 16.14 -28.00
CA LYS F 65 2.77 14.76 -27.60
C LYS F 65 2.10 13.68 -28.49
N CYS F 66 2.83 12.59 -28.74
CA CYS F 66 2.30 11.36 -29.33
C CYS F 66 2.22 10.33 -28.20
N ILE F 67 1.03 9.81 -27.94
CA ILE F 67 0.85 8.94 -26.79
C ILE F 67 0.59 7.51 -27.22
N LYS F 68 1.31 6.57 -26.59
CA LYS F 68 1.23 5.16 -26.94
C LYS F 68 -0.13 4.55 -26.67
N CYS F 69 -0.67 3.88 -27.67
CA CYS F 69 -1.96 3.25 -27.53
C CYS F 69 -1.76 1.82 -26.97
N LYS F 70 -2.68 1.37 -26.13
CA LYS F 70 -2.55 0.07 -25.44
C LYS F 70 -3.65 -0.89 -25.88
N ILE F 71 -3.88 -0.99 -27.18
CA ILE F 71 -5.01 -1.79 -27.67
C ILE F 71 -4.64 -3.18 -28.18
N GLU F 72 -5.59 -4.10 -28.04
CA GLU F 72 -5.41 -5.43 -28.54
C GLU F 72 -6.15 -5.48 -29.88
N HIS F 73 -5.51 -6.11 -30.85
CA HIS F 73 -5.99 -6.14 -32.24
C HIS F 73 -6.05 -4.79 -32.98
N CYS F 74 -5.37 -3.76 -32.49
CA CYS F 74 -5.34 -2.49 -33.22
C CYS F 74 -3.91 -2.15 -33.66
N GLU F 75 -3.75 -1.69 -34.91
CA GLU F 75 -2.44 -1.27 -35.38
C GLU F 75 -2.34 0.26 -35.40
N ALA F 76 -3.49 0.91 -35.56
CA ALA F 76 -3.56 2.37 -35.56
C ALA F 76 -4.88 2.87 -34.98
N CYS F 77 -4.79 3.62 -33.89
CA CYS F 77 -5.95 4.13 -33.17
C CYS F 77 -5.93 5.66 -33.17
N PHE F 78 -7.11 6.27 -33.28
CA PHE F 78 -7.16 7.73 -33.35
C PHE F 78 -6.95 8.32 -31.95
N SER F 79 -7.58 7.71 -30.95
CA SER F 79 -7.32 8.03 -29.55
C SER F 79 -7.72 6.87 -28.65
N HIS F 80 -7.48 7.00 -27.34
CA HIS F 80 -7.93 5.98 -26.39
C HIS F 80 -9.42 6.23 -26.15
N ASN F 81 -10.31 5.28 -26.47
CA ASN F 81 -9.97 3.89 -26.73
C ASN F 81 -10.24 3.52 -28.18
N PHE F 82 -10.85 4.47 -28.88
CA PHE F 82 -11.14 4.37 -30.31
C PHE F 82 -10.01 3.85 -31.21
N CYS F 83 -10.40 3.05 -32.20
CA CYS F 83 -9.49 2.58 -33.22
C CYS F 83 -10.04 3.07 -34.54
N THR F 84 -9.18 3.54 -35.43
CA THR F 84 -9.63 4.10 -36.70
C THR F 84 -9.56 3.03 -37.76
N LYS F 85 -8.52 2.22 -37.66
CA LYS F 85 -8.30 1.14 -38.59
C LYS F 85 -7.92 -0.07 -37.73
N CYS F 86 -8.45 -1.24 -38.07
CA CYS F 86 -8.18 -2.41 -37.27
C CYS F 86 -7.22 -3.31 -38.04
N LYS F 87 -6.46 -4.12 -37.29
CA LYS F 87 -5.41 -4.93 -37.89
C LYS F 87 -5.98 -5.89 -38.90
N GLU F 88 -5.19 -6.19 -39.93
CA GLU F 88 -5.62 -7.07 -41.01
C GLU F 88 -5.88 -8.48 -40.51
N GLY F 89 -7.02 -9.02 -40.90
CA GLY F 89 -7.49 -10.31 -40.42
C GLY F 89 -8.60 -10.08 -39.41
N LEU F 90 -8.57 -8.91 -38.77
CA LEU F 90 -9.55 -8.59 -37.76
C LEU F 90 -10.48 -7.45 -38.23
N TYR F 91 -11.69 -7.40 -37.66
CA TYR F 91 -12.72 -6.46 -38.08
C TYR F 91 -12.85 -5.28 -37.11
N LEU F 92 -13.18 -4.11 -37.63
CA LEU F 92 -13.27 -2.88 -36.83
C LEU F 92 -14.70 -2.45 -36.50
N HIS F 93 -15.20 -2.66 -35.29
CA HIS F 93 -16.52 -2.12 -34.99
C HIS F 93 -16.40 -0.86 -34.13
N LYS F 94 -17.50 -0.10 -34.01
CA LYS F 94 -17.51 1.26 -33.43
C LYS F 94 -16.38 1.55 -32.45
N GLY F 95 -15.19 1.78 -32.99
CA GLY F 95 -14.03 2.09 -32.18
C GLY F 95 -13.28 0.88 -31.62
N ARG F 96 -13.82 -0.31 -31.84
CA ARG F 96 -13.21 -1.52 -31.25
C ARG F 96 -12.98 -2.62 -32.28
N CYS F 97 -11.99 -3.47 -32.04
CA CYS F 97 -11.69 -4.58 -32.94
C CYS F 97 -12.22 -5.93 -32.44
N TYR F 98 -12.84 -6.67 -33.35
CA TYR F 98 -13.38 -8.01 -33.07
C TYR F 98 -13.01 -8.95 -34.22
N PRO F 99 -12.69 -10.21 -33.91
CA PRO F 99 -12.42 -11.25 -34.92
C PRO F 99 -13.61 -11.56 -35.84
N ALA F 100 -14.79 -11.09 -35.46
CA ALA F 100 -15.97 -11.24 -36.29
C ALA F 100 -16.84 -10.02 -36.03
N CYS F 101 -17.22 -9.33 -37.10
CA CYS F 101 -17.97 -8.10 -36.97
C CYS F 101 -19.28 -8.30 -36.22
N PRO F 102 -19.47 -7.51 -35.15
CA PRO F 102 -20.66 -7.62 -34.31
C PRO F 102 -21.91 -7.18 -35.05
N GLU F 103 -21.83 -6.06 -35.76
CA GLU F 103 -23.02 -5.47 -36.37
C GLU F 103 -22.84 -4.97 -37.80
N GLY F 104 -22.30 -3.77 -37.95
CA GLY F 104 -22.28 -3.10 -39.24
C GLY F 104 -20.97 -2.59 -39.80
N SER F 105 -21.08 -1.97 -40.97
CA SER F 105 -19.99 -1.38 -41.76
C SER F 105 -19.17 -2.45 -42.48
N SER F 106 -19.43 -2.66 -43.77
CA SER F 106 -20.55 -2.03 -44.50
C SER F 106 -21.99 -2.29 -44.01
N ALA F 107 -22.34 -3.49 -43.56
CA ALA F 107 -21.45 -4.65 -43.43
C ALA F 107 -21.70 -5.68 -44.52
N ALA F 108 -21.16 -6.87 -44.30
CA ALA F 108 -21.23 -7.98 -45.26
C ALA F 108 -20.84 -7.58 -46.68
N ASN F 109 -20.05 -6.52 -46.82
CA ASN F 109 -19.66 -6.00 -48.12
C ASN F 109 -18.26 -5.39 -48.11
N GLY F 110 -17.25 -6.20 -48.38
CA GLY F 110 -15.87 -5.72 -48.31
C GLY F 110 -14.85 -6.83 -48.13
N THR F 111 -14.74 -7.36 -46.92
CA THR F 111 -15.57 -6.95 -45.79
C THR F 111 -14.67 -6.40 -44.68
N MET F 112 -13.37 -6.73 -44.76
CA MET F 112 -12.44 -6.33 -43.70
C MET F 112 -12.22 -4.83 -43.75
N GLU F 113 -12.98 -4.12 -42.93
CA GLU F 113 -13.00 -2.66 -42.66
C GLU F 113 -14.38 -2.32 -42.15
N CYS F 114 -14.64 -2.57 -40.88
CA CYS F 114 -15.99 -2.39 -40.39
C CYS F 114 -16.16 -1.04 -39.71
N ALA G 11 19.77 13.16 29.40
CA ALA G 11 19.65 14.53 29.91
C ALA G 11 18.37 15.16 29.43
N CYS G 12 17.47 15.47 30.36
CA CYS G 12 16.18 16.01 29.98
C CYS G 12 16.30 17.48 29.62
N ALA G 13 15.22 18.25 29.84
CA ALA G 13 15.16 19.65 29.42
C ALA G 13 15.40 20.60 30.58
N LYS G 14 15.72 21.87 30.25
CA LYS G 14 16.02 22.92 31.23
C LYS G 14 15.31 22.83 32.59
N GLY G 15 13.98 22.95 32.60
CA GLY G 15 13.27 22.99 33.86
C GLY G 15 12.64 21.68 34.30
N CYS G 16 13.00 20.59 33.63
CA CYS G 16 12.43 19.29 33.94
C CYS G 16 13.37 18.49 34.83
N GLU G 17 12.85 17.94 35.93
CA GLU G 17 13.70 17.14 36.81
C GLU G 17 13.44 15.64 36.69
N LEU G 18 12.33 15.26 36.06
CA LEU G 18 12.03 13.86 35.79
C LEU G 18 11.56 13.68 34.35
N CYS G 19 12.39 13.01 33.56
CA CYS G 19 12.23 12.98 32.12
C CYS G 19 11.95 11.57 31.57
N SER G 20 11.31 11.53 30.40
CA SER G 20 11.07 10.27 29.70
C SER G 20 11.13 10.51 28.19
N GLU G 21 11.71 9.56 27.45
CA GLU G 21 11.73 9.65 26.00
C GLU G 21 10.30 9.68 25.45
N VAL G 22 9.46 8.76 25.91
CA VAL G 22 8.08 8.69 25.44
C VAL G 22 7.24 9.85 25.96
N ASN G 23 7.18 10.00 27.28
CA ASN G 23 6.28 10.99 27.89
C ASN G 23 6.83 12.40 28.01
N GLY G 24 8.08 12.60 27.60
CA GLY G 24 8.70 13.90 27.77
C GLY G 24 8.91 14.17 29.24
N CYS G 25 8.50 15.35 29.70
CA CYS G 25 8.72 15.72 31.10
C CYS G 25 7.59 15.21 31.99
N LEU G 26 7.97 14.67 33.14
CA LEU G 26 7.03 14.08 34.08
C LEU G 26 6.81 14.98 35.29
N LYS G 27 7.84 15.74 35.64
CA LYS G 27 7.79 16.65 36.78
C LYS G 27 8.65 17.89 36.50
N CYS G 28 8.07 19.06 36.69
CA CYS G 28 8.79 20.31 36.47
C CYS G 28 9.29 20.85 37.80
N SER G 29 10.23 21.80 37.74
CA SER G 29 10.66 22.50 38.93
C SER G 29 9.45 23.21 39.52
N PRO G 30 9.35 23.30 40.85
CA PRO G 30 8.14 23.77 41.54
C PRO G 30 7.59 25.12 41.07
N LYS G 31 8.46 26.06 40.76
CA LYS G 31 8.02 27.36 40.26
C LYS G 31 7.39 27.29 38.88
N LEU G 32 7.81 26.29 38.09
CA LEU G 32 7.42 26.22 36.69
C LEU G 32 6.10 25.48 36.47
N PHE G 33 5.61 25.57 35.24
CA PHE G 33 4.34 24.94 34.85
C PHE G 33 4.56 23.83 33.86
N ILE G 34 3.82 22.72 34.02
CA ILE G 34 3.88 21.65 33.03
C ILE G 34 2.77 21.84 32.00
N LEU G 35 3.14 21.64 30.73
CA LEU G 35 2.23 21.78 29.61
C LEU G 35 2.30 20.52 28.76
N LEU G 36 1.14 19.93 28.49
CA LEU G 36 1.10 18.74 27.65
C LEU G 36 0.93 19.11 26.19
N GLU G 37 1.97 18.85 25.42
CA GLU G 37 1.98 19.17 24.00
C GLU G 37 1.60 17.95 23.19
N ARG G 38 0.55 18.06 22.38
CA ARG G 38 0.20 16.96 21.50
C ARG G 38 0.82 17.16 20.11
N ASN G 39 1.82 16.35 19.82
CA ASN G 39 2.46 16.30 18.51
C ASN G 39 2.28 14.93 17.89
N ASP G 40 1.48 14.87 16.82
CA ASP G 40 1.16 13.60 16.18
C ASP G 40 0.45 12.69 17.18
N ILE G 41 0.87 11.43 17.23
CA ILE G 41 0.34 10.52 18.24
C ILE G 41 0.78 10.87 19.65
N ARG G 42 1.96 11.47 19.78
CA ARG G 42 2.54 11.68 21.12
C ARG G 42 1.92 12.83 21.91
N GLN G 43 1.85 12.62 23.22
CA GLN G 43 1.53 13.68 24.18
C GLN G 43 2.73 13.79 25.12
N VAL G 44 3.43 14.92 25.06
CA VAL G 44 4.72 15.07 25.72
C VAL G 44 4.70 16.21 26.72
N GLY G 45 5.32 16.00 27.88
CA GLY G 45 5.42 17.03 28.89
C GLY G 45 6.46 18.08 28.53
N VAL G 46 6.16 19.34 28.81
CA VAL G 46 7.05 20.44 28.49
C VAL G 46 7.01 21.45 29.64
N CYS G 47 8.17 22.00 30.02
CA CYS G 47 8.24 22.86 31.20
C CYS G 47 8.32 24.33 30.82
N LEU G 48 7.46 25.16 31.40
CA LEU G 48 7.34 26.55 30.98
C LEU G 48 7.35 27.53 32.15
N PRO G 49 7.91 28.73 31.94
CA PRO G 49 7.85 29.70 33.03
C PRO G 49 6.44 30.23 33.23
N SER G 50 5.74 30.48 32.13
CA SER G 50 4.36 30.96 32.16
C SER G 50 3.47 30.19 31.16
N CYS G 51 2.16 30.22 31.40
CA CYS G 51 1.21 29.57 30.50
C CYS G 51 0.94 30.40 29.23
N PRO G 52 0.85 29.73 28.07
CA PRO G 52 0.60 30.32 26.76
C PRO G 52 -0.81 30.92 26.62
N PRO G 53 -1.08 31.67 25.54
CA PRO G 53 -2.36 32.38 25.39
C PRO G 53 -3.63 31.51 25.42
N GLY G 54 -3.62 30.36 24.76
CA GLY G 54 -4.77 29.49 24.78
C GLY G 54 -5.04 28.86 26.15
N TYR G 55 -3.99 28.72 26.94
CA TYR G 55 -4.02 28.03 28.22
C TYR G 55 -4.13 28.98 29.41
N PHE G 56 -4.59 28.50 30.55
CA PHE G 56 -4.50 29.34 31.74
C PHE G 56 -3.78 28.65 32.88
N ASP G 57 -3.41 29.50 33.83
CA ASP G 57 -2.57 29.24 35.00
C ASP G 57 -3.33 28.54 36.12
N ALA G 58 -3.22 27.21 36.21
CA ALA G 58 -3.98 26.50 37.23
C ALA G 58 -3.07 26.27 38.42
N ARG G 59 -3.26 27.13 39.42
CA ARG G 59 -2.42 27.16 40.62
C ARG G 59 -2.61 26.06 41.67
N ASN G 60 -2.30 24.82 41.31
CA ASN G 60 -2.49 23.70 42.23
C ASN G 60 -1.25 23.39 43.05
N PRO G 61 -1.44 23.07 44.33
CA PRO G 61 -0.31 22.79 45.22
C PRO G 61 0.52 21.62 44.70
N ASP G 62 -0.08 20.43 44.65
CA ASP G 62 0.56 19.23 44.11
C ASP G 62 1.43 19.44 42.85
N MET G 63 1.06 20.41 42.02
CA MET G 63 1.75 20.68 40.76
C MET G 63 1.07 21.78 39.95
N ASN G 64 1.89 22.63 39.32
CA ASN G 64 1.41 23.71 38.46
C ASN G 64 1.24 23.26 37.02
N LYS G 65 0.06 23.51 36.45
CA LYS G 65 -0.25 23.08 35.09
C LYS G 65 -0.67 24.25 34.20
N CYS G 66 -0.35 24.14 32.92
CA CYS G 66 -0.91 25.05 31.92
C CYS G 66 -2.03 24.26 31.25
N ILE G 67 -3.28 24.69 31.44
CA ILE G 67 -4.40 23.89 30.89
C ILE G 67 -5.24 24.63 29.83
N LYS G 68 -5.57 23.92 28.74
CA LYS G 68 -6.27 24.51 27.58
C LYS G 68 -7.62 25.06 27.94
N CYS G 69 -7.88 26.30 27.52
CA CYS G 69 -9.17 26.91 27.71
C CYS G 69 -9.99 26.45 26.51
N LYS G 70 -11.25 26.10 26.72
CA LYS G 70 -12.03 25.56 25.61
C LYS G 70 -13.17 26.51 25.23
N ILE G 71 -13.22 27.66 25.88
CA ILE G 71 -14.32 28.57 25.67
C ILE G 71 -13.95 29.47 24.52
N GLU G 72 -14.93 29.85 23.72
CA GLU G 72 -14.64 30.55 22.50
C GLU G 72 -14.69 32.04 22.75
N HIS G 73 -13.74 32.72 22.12
CA HIS G 73 -13.53 34.15 22.22
C HIS G 73 -13.21 34.52 23.66
N CYS G 74 -12.28 33.77 24.25
CA CYS G 74 -11.80 34.07 25.59
C CYS G 74 -10.29 34.29 25.55
N GLU G 75 -9.83 35.33 26.24
CA GLU G 75 -8.39 35.60 26.37
C GLU G 75 -7.88 35.22 27.77
N ALA G 76 -8.78 35.20 28.74
CA ALA G 76 -8.41 34.77 30.08
C ALA G 76 -9.58 34.13 30.80
N CYS G 77 -9.44 32.85 31.11
CA CYS G 77 -10.52 32.13 31.75
C CYS G 77 -10.10 31.59 33.12
N PHE G 78 -11.06 31.59 34.05
CA PHE G 78 -10.81 31.16 35.42
C PHE G 78 -10.70 29.64 35.45
N SER G 79 -11.53 28.99 34.65
CA SER G 79 -11.44 27.54 34.51
C SER G 79 -11.72 27.18 33.05
N HIS G 80 -11.71 25.89 32.74
CA HIS G 80 -11.89 25.45 31.36
C HIS G 80 -13.33 25.68 30.95
N ASN G 81 -14.19 25.78 31.95
CA ASN G 81 -15.62 25.90 31.75
C ASN G 81 -16.15 27.27 32.17
N PHE G 82 -15.29 28.11 32.73
CA PHE G 82 -15.72 29.44 33.12
C PHE G 82 -14.71 30.49 32.68
N CYS G 83 -15.21 31.64 32.24
CA CYS G 83 -14.34 32.71 31.74
C CYS G 83 -14.46 33.99 32.56
N THR G 84 -13.32 34.64 32.79
CA THR G 84 -13.27 35.86 33.58
C THR G 84 -13.21 37.13 32.74
N LYS G 85 -12.55 37.03 31.58
CA LYS G 85 -12.35 38.17 30.70
C LYS G 85 -12.69 37.77 29.26
N CYS G 86 -13.50 38.57 28.56
CA CYS G 86 -13.88 38.19 27.17
C CYS G 86 -13.29 39.16 26.16
N LYS G 87 -13.00 38.66 24.96
CA LYS G 87 -12.31 39.48 23.97
C LYS G 87 -13.11 40.74 23.64
N GLU G 88 -12.40 41.84 23.39
CA GLU G 88 -13.08 43.09 23.06
C GLU G 88 -13.73 42.91 21.70
N GLY G 89 -15.01 43.24 21.58
CA GLY G 89 -15.80 43.81 22.66
C GLY G 89 -16.92 42.90 23.14
N LEU G 90 -16.74 41.60 23.05
CA LEU G 90 -17.76 40.65 23.48
C LEU G 90 -18.15 40.78 24.97
N TYR G 91 -19.36 40.31 25.26
CA TYR G 91 -19.97 40.41 26.58
C TYR G 91 -19.89 39.07 27.32
N LEU G 92 -19.72 39.13 28.64
CA LEU G 92 -19.55 37.91 29.43
C LEU G 92 -20.80 37.50 30.21
N HIS G 93 -21.46 36.45 29.73
CA HIS G 93 -22.57 35.84 30.43
C HIS G 93 -22.06 34.55 31.06
N LYS G 94 -22.82 34.00 32.00
CA LYS G 94 -22.39 32.92 32.91
C LYS G 94 -21.19 32.08 32.46
N GLY G 95 -20.00 32.65 32.55
CA GLY G 95 -18.77 31.96 32.21
C GLY G 95 -18.40 31.93 30.73
N ARG G 96 -19.28 32.46 29.88
CA ARG G 96 -19.06 32.39 28.44
C ARG G 96 -19.17 33.73 27.73
N CYS G 97 -18.53 33.80 26.56
CA CYS G 97 -18.49 35.01 25.76
C CYS G 97 -19.52 35.01 24.64
N TYR G 98 -20.22 36.12 24.49
CA TYR G 98 -21.20 36.29 23.42
C TYR G 98 -21.03 37.64 22.77
N PRO G 99 -21.17 37.70 21.43
CA PRO G 99 -21.18 38.97 20.69
C PRO G 99 -22.38 39.85 21.04
N ALA G 100 -23.38 39.25 21.68
CA ALA G 100 -24.59 39.96 22.10
C ALA G 100 -25.16 39.31 23.36
N CYS G 101 -25.55 40.13 24.33
CA CYS G 101 -26.09 39.61 25.58
C CYS G 101 -27.24 38.65 25.28
N PRO G 102 -27.19 37.44 25.84
CA PRO G 102 -28.13 36.37 25.53
C PRO G 102 -29.55 36.68 26.01
N GLU G 103 -30.46 35.74 25.87
CA GLU G 103 -31.86 36.05 26.18
C GLU G 103 -32.06 35.78 27.66
N GLY G 104 -32.46 36.83 28.35
CA GLY G 104 -32.53 36.85 29.80
C GLY G 104 -32.62 38.32 30.10
N SER G 105 -32.62 38.68 31.37
CA SER G 105 -32.64 40.10 31.71
C SER G 105 -31.31 40.68 31.28
N SER G 106 -30.24 39.92 31.52
CA SER G 106 -28.88 40.21 31.01
C SER G 106 -28.48 41.68 31.00
N ALA G 107 -28.65 42.32 29.86
CA ALA G 107 -28.52 43.77 29.71
C ALA G 107 -27.16 44.38 30.08
N ALA G 108 -27.21 45.67 30.38
CA ALA G 108 -26.04 46.50 30.66
C ALA G 108 -26.51 47.56 31.67
N ASN G 109 -25.63 48.33 32.32
CA ASN G 109 -24.18 48.40 32.07
C ASN G 109 -23.29 47.93 33.21
N GLY G 110 -22.64 46.80 33.00
CA GLY G 110 -21.55 46.34 33.84
C GLY G 110 -20.25 46.64 33.11
N THR G 111 -20.42 47.18 31.91
CA THR G 111 -19.45 47.20 30.81
C THR G 111 -19.67 45.82 30.18
N MET G 112 -18.62 45.15 29.72
CA MET G 112 -18.83 43.88 29.04
C MET G 112 -19.07 42.74 30.01
N GLU G 113 -20.36 42.41 30.19
CA GLU G 113 -20.87 41.32 31.04
C GLU G 113 -22.35 41.54 31.33
N CYS G 114 -23.11 40.45 31.33
CA CYS G 114 -24.55 40.51 31.50
C CYS G 114 -24.97 40.12 32.92
N SER G 115 -25.93 40.84 33.48
CA SER G 115 -26.50 40.41 34.75
C SER G 115 -28.02 40.40 34.70
N SER G 116 -28.59 39.23 35.00
CA SER G 116 -30.02 39.09 35.09
C SER G 116 -30.53 39.84 36.35
N PRO G 117 -29.85 39.65 37.50
CA PRO G 117 -30.27 40.45 38.66
C PRO G 117 -29.35 41.63 38.90
N ALA H 11 -42.68 4.81 -9.01
CA ALA H 11 -42.74 6.05 -8.23
C ALA H 11 -41.34 6.52 -7.86
N CYS H 12 -40.43 6.47 -8.83
CA CYS H 12 -39.04 6.84 -8.59
C CYS H 12 -38.96 8.35 -8.52
N ALA H 13 -37.74 8.90 -8.42
CA ALA H 13 -37.64 10.33 -8.22
C ALA H 13 -37.44 10.93 -9.58
N LYS H 14 -37.69 12.23 -9.68
CA LYS H 14 -37.68 13.01 -10.92
C LYS H 14 -37.59 12.21 -12.22
N GLY H 15 -36.38 12.13 -12.76
CA GLY H 15 -36.14 11.52 -14.05
C GLY H 15 -35.57 10.11 -14.08
N CYS H 16 -35.54 9.41 -12.95
CA CYS H 16 -34.96 8.07 -12.92
C CYS H 16 -36.05 7.01 -13.03
N GLU H 17 -35.78 5.99 -13.82
CA GLU H 17 -36.71 4.91 -14.08
C GLU H 17 -36.44 3.67 -13.21
N LEU H 18 -35.34 3.69 -12.48
CA LEU H 18 -35.00 2.60 -11.56
C LEU H 18 -34.61 3.12 -10.17
N CYS H 19 -35.46 2.86 -9.18
CA CYS H 19 -35.33 3.50 -7.87
C CYS H 19 -35.05 2.54 -6.72
N SER H 20 -34.49 3.10 -5.66
CA SER H 20 -34.29 2.37 -4.41
C SER H 20 -34.43 3.35 -3.25
N GLU H 21 -35.07 2.92 -2.18
CA GLU H 21 -35.16 3.72 -0.96
C GLU H 21 -33.75 4.02 -0.44
N VAL H 22 -32.94 2.98 -0.35
CA VAL H 22 -31.58 3.12 0.17
C VAL H 22 -30.68 3.87 -0.81
N ASN H 23 -30.58 3.35 -2.04
CA ASN H 23 -29.63 3.88 -3.02
C ASN H 23 -30.13 5.09 -3.80
N GLY H 24 -31.36 5.51 -3.54
CA GLY H 24 -31.95 6.58 -4.32
C GLY H 24 -32.18 6.10 -5.74
N CYS H 25 -31.76 6.90 -6.71
CA CYS H 25 -32.01 6.57 -8.11
C CYS H 25 -30.88 5.68 -8.65
N LEU H 26 -31.25 4.67 -9.43
CA LEU H 26 -30.30 3.68 -9.95
C LEU H 26 -30.01 3.84 -11.45
N LYS H 27 -30.99 4.31 -12.21
CA LYS H 27 -30.85 4.51 -13.65
C LYS H 27 -31.67 5.70 -14.13
N CYS H 28 -31.04 6.58 -14.90
CA CYS H 28 -31.72 7.78 -15.37
C CYS H 28 -32.22 7.60 -16.79
N SER H 29 -33.17 8.47 -17.19
CA SER H 29 -33.60 8.53 -18.58
C SER H 29 -32.41 8.96 -19.42
N PRO H 30 -32.32 8.45 -20.67
CA PRO H 30 -31.14 8.59 -21.53
C PRO H 30 -30.61 10.02 -21.67
N LYS H 31 -31.50 11.00 -21.73
CA LYS H 31 -31.08 12.39 -21.85
C LYS H 31 -30.37 12.92 -20.62
N LEU H 32 -30.69 12.35 -19.46
CA LEU H 32 -30.23 12.90 -18.20
C LEU H 32 -28.89 12.36 -17.69
N PHE H 33 -28.39 13.01 -16.65
CA PHE H 33 -27.14 12.68 -15.99
C PHE H 33 -27.42 12.17 -14.59
N ILE H 34 -26.71 11.11 -14.20
CA ILE H 34 -26.81 10.60 -12.85
C ILE H 34 -25.69 11.20 -11.98
N LEU H 35 -26.06 11.63 -10.79
CA LEU H 35 -25.15 12.27 -9.85
C LEU H 35 -25.29 11.63 -8.47
N LEU H 36 -24.17 11.26 -7.86
CA LEU H 36 -24.20 10.69 -6.52
C LEU H 36 -24.02 11.77 -5.45
N GLU H 37 -25.07 11.96 -4.65
CA GLU H 37 -25.03 12.93 -3.56
C GLU H 37 -24.73 12.26 -2.23
N ARG H 38 -23.67 12.70 -1.57
CA ARG H 38 -23.36 12.19 -0.23
C ARG H 38 -23.88 13.06 0.89
N ASN H 39 -24.90 12.58 1.60
CA ASN H 39 -25.36 13.23 2.81
CA ASN H 39 -25.38 13.22 2.81
C ASN H 39 -25.49 12.20 3.92
N ASP H 40 -25.07 12.58 5.13
CA ASP H 40 -25.07 11.68 6.27
C ASP H 40 -24.15 10.49 5.95
N ILE H 41 -24.59 9.30 6.33
CA ILE H 41 -23.93 8.05 5.94
C ILE H 41 -24.20 7.78 4.46
N ARG H 42 -25.33 8.31 4.00
CA ARG H 42 -25.91 7.97 2.70
C ARG H 42 -25.22 8.52 1.44
N GLN H 43 -25.19 7.68 0.42
CA GLN H 43 -24.82 8.07 -0.94
C GLN H 43 -26.00 7.74 -1.85
N VAL H 44 -26.62 8.77 -2.40
CA VAL H 44 -27.90 8.60 -3.10
C VAL H 44 -27.83 9.05 -4.56
N GLY H 45 -28.47 8.27 -5.45
CA GLY H 45 -28.54 8.62 -6.84
C GLY H 45 -29.53 9.73 -7.11
N VAL H 46 -29.17 10.65 -7.98
CA VAL H 46 -30.00 11.80 -8.30
C VAL H 46 -29.92 12.14 -9.78
N CYS H 47 -31.06 12.49 -10.40
CA CYS H 47 -31.08 12.73 -11.84
C CYS H 47 -31.19 14.21 -12.21
N LEU H 48 -30.29 14.68 -13.07
CA LEU H 48 -30.25 16.09 -13.49
C LEU H 48 -30.13 16.24 -15.00
N PRO H 49 -30.74 17.29 -15.57
CA PRO H 49 -30.68 17.54 -17.01
C PRO H 49 -29.30 18.00 -17.45
N SER H 50 -28.66 18.80 -16.61
CA SER H 50 -27.36 19.37 -16.90
C SER H 50 -26.42 19.13 -15.73
N CYS H 51 -25.13 19.25 -15.98
CA CYS H 51 -24.13 19.08 -14.94
C CYS H 51 -24.12 20.26 -13.98
N PRO H 52 -23.94 19.96 -12.68
CA PRO H 52 -23.90 21.00 -11.65
C PRO H 52 -22.66 21.87 -11.88
N PRO H 53 -22.56 23.02 -11.19
CA PRO H 53 -21.42 23.90 -11.49
C PRO H 53 -20.07 23.24 -11.26
N GLY H 54 -19.89 22.62 -10.10
CA GLY H 54 -18.64 21.97 -9.74
C GLY H 54 -18.23 20.80 -10.61
N TYR H 55 -19.20 20.14 -11.24
CA TYR H 55 -18.94 18.91 -11.99
C TYR H 55 -18.83 19.16 -13.50
N PHE H 56 -18.18 18.25 -14.21
CA PHE H 56 -18.11 18.34 -15.68
C PHE H 56 -18.67 17.10 -16.37
N ASP H 57 -18.80 17.20 -17.69
CA ASP H 57 -19.53 16.22 -18.50
C ASP H 57 -18.78 14.88 -18.63
N ALA H 58 -19.56 13.81 -18.83
CA ALA H 58 -19.04 12.45 -18.93
C ALA H 58 -19.40 11.77 -20.24
N ARG H 59 -18.39 11.61 -21.09
CA ARG H 59 -18.55 10.99 -22.39
C ARG H 59 -18.89 9.50 -22.40
N ASN H 60 -18.23 8.74 -21.53
CA ASN H 60 -18.33 7.27 -21.48
C ASN H 60 -19.69 6.73 -21.93
N PRO H 61 -19.68 5.73 -22.83
CA PRO H 61 -20.78 5.12 -23.58
C PRO H 61 -22.17 5.77 -23.49
N ASP H 62 -23.19 4.94 -23.34
CA ASP H 62 -24.57 5.44 -23.26
C ASP H 62 -24.97 6.18 -21.98
N MET H 63 -24.32 5.91 -20.86
CA MET H 63 -24.68 6.58 -19.61
C MET H 63 -23.97 7.91 -19.39
N ASN H 64 -24.75 8.93 -19.02
CA ASN H 64 -24.22 10.25 -18.69
C ASN H 64 -24.02 10.45 -17.18
N LYS H 65 -22.81 10.86 -16.79
CA LYS H 65 -22.46 11.14 -15.40
C LYS H 65 -21.90 12.54 -15.22
N CYS H 66 -22.13 13.14 -14.07
CA CYS H 66 -21.38 14.34 -13.73
C CYS H 66 -20.34 14.04 -12.67
N ILE H 67 -19.07 14.22 -13.03
CA ILE H 67 -17.96 13.92 -12.15
C ILE H 67 -17.26 15.21 -11.74
N LYS H 68 -16.91 15.28 -10.46
CA LYS H 68 -16.42 16.49 -9.81
C LYS H 68 -15.16 17.00 -10.53
N CYS H 69 -15.09 18.30 -10.79
CA CYS H 69 -13.97 18.85 -11.57
C CYS H 69 -12.72 19.04 -10.72
N LYS H 70 -11.69 19.67 -11.29
CA LYS H 70 -10.40 19.76 -10.62
C LYS H 70 -10.03 21.13 -10.07
N ILE H 71 -9.16 21.09 -9.07
CA ILE H 71 -8.72 22.25 -8.31
C ILE H 71 -7.20 22.32 -8.62
N GLU H 72 -6.56 23.49 -8.64
CA GLU H 72 -7.15 24.78 -8.26
C GLU H 72 -6.96 25.87 -9.31
N HIS H 73 -7.97 26.72 -9.47
CA HIS H 73 -9.21 26.63 -8.69
C HIS H 73 -10.35 26.86 -9.65
N CYS H 74 -11.29 25.93 -9.71
CA CYS H 74 -12.45 26.13 -10.57
C CYS H 74 -13.80 26.10 -9.84
N GLU H 75 -14.69 27.00 -10.23
CA GLU H 75 -16.05 27.03 -9.70
C GLU H 75 -16.99 26.37 -10.71
N ALA H 76 -16.62 26.42 -11.97
CA ALA H 76 -17.39 25.77 -13.04
C ALA H 76 -16.43 25.32 -14.13
N CYS H 77 -16.35 24.02 -14.36
CA CYS H 77 -15.39 23.48 -15.31
C CYS H 77 -16.03 22.72 -16.47
N PHE H 78 -15.45 22.90 -17.65
CA PHE H 78 -15.90 22.22 -18.86
C PHE H 78 -15.49 20.76 -18.88
N SER H 79 -14.25 20.53 -18.46
CA SER H 79 -13.69 19.19 -18.37
C SER H 79 -12.71 19.15 -17.20
N HIS H 80 -11.98 18.05 -17.09
CA HIS H 80 -11.04 17.89 -16.00
C HIS H 80 -9.87 18.84 -16.17
N ASN H 81 -9.27 19.24 -15.06
CA ASN H 81 -8.14 20.18 -15.01
C ASN H 81 -8.33 21.54 -15.70
N PHE H 82 -9.40 21.71 -16.47
CA PHE H 82 -9.73 23.01 -17.07
C PHE H 82 -10.82 23.78 -16.31
N CYS H 83 -10.69 25.10 -16.24
CA CYS H 83 -11.70 25.92 -15.58
C CYS H 83 -12.32 26.98 -16.50
N THR H 84 -13.65 27.11 -16.44
CA THR H 84 -14.38 28.08 -17.26
C THR H 84 -14.83 29.33 -16.48
N LYS H 85 -15.24 29.13 -15.23
CA LYS H 85 -15.74 30.22 -14.38
C LYS H 85 -15.21 30.18 -12.93
N CYS H 86 -14.83 31.34 -12.39
CA CYS H 86 -14.32 31.43 -11.02
C CYS H 86 -15.17 32.20 -10.03
N LYS H 87 -14.95 31.86 -8.75
CA LYS H 87 -15.69 32.41 -7.62
C LYS H 87 -15.50 33.92 -7.48
N GLU H 88 -16.53 34.61 -6.98
CA GLU H 88 -16.47 36.05 -6.81
C GLU H 88 -15.44 36.46 -5.75
N GLY H 89 -14.61 37.42 -6.12
CA GLY H 89 -13.55 37.92 -5.27
C GLY H 89 -12.20 37.30 -5.63
N LEU H 90 -12.10 36.84 -6.88
CA LEU H 90 -10.88 36.22 -7.42
C LEU H 90 -10.91 36.32 -8.94
N TYR H 91 -9.75 36.29 -9.59
CA TYR H 91 -9.70 36.44 -11.05
C TYR H 91 -9.39 35.11 -11.77
N LEU H 92 -10.03 34.89 -12.92
CA LEU H 92 -9.84 33.64 -13.70
C LEU H 92 -9.02 33.79 -14.97
N HIS H 93 -7.77 33.34 -14.97
CA HIS H 93 -7.05 33.34 -16.23
C HIS H 93 -7.05 31.87 -16.68
N LYS H 94 -6.53 31.60 -17.88
CA LYS H 94 -6.75 30.33 -18.56
C LYS H 94 -6.54 29.09 -17.69
N GLY H 95 -7.66 28.46 -17.36
CA GLY H 95 -7.74 27.23 -16.60
C GLY H 95 -7.64 27.29 -15.08
N ARG H 96 -7.29 28.44 -14.53
CA ARG H 96 -7.10 28.54 -13.08
C ARG H 96 -7.69 29.81 -12.43
N CYS H 97 -7.98 29.72 -11.13
CA CYS H 97 -8.34 30.91 -10.35
C CYS H 97 -7.11 31.38 -9.61
N TYR H 98 -6.90 32.69 -9.64
CA TYR H 98 -5.80 33.29 -8.91
C TYR H 98 -6.32 34.49 -8.15
N PRO H 99 -5.85 34.68 -6.92
CA PRO H 99 -6.11 35.94 -6.24
C PRO H 99 -5.43 37.09 -6.98
N ALA H 100 -4.50 36.75 -7.87
CA ALA H 100 -3.88 37.72 -8.75
C ALA H 100 -3.45 37.05 -10.06
N CYS H 101 -4.04 37.51 -11.17
CA CYS H 101 -3.75 36.97 -12.50
C CYS H 101 -2.32 37.18 -12.99
N PRO H 102 -1.69 36.09 -13.45
CA PRO H 102 -0.29 36.05 -13.93
C PRO H 102 -0.01 36.75 -15.27
N GLU H 103 -0.92 36.67 -16.24
CA GLU H 103 -0.61 37.12 -17.60
C GLU H 103 -0.85 38.61 -17.83
N GLY H 104 -1.81 39.20 -17.13
CA GLY H 104 -2.02 40.62 -17.31
C GLY H 104 -3.27 41.28 -16.77
N SER H 105 -3.28 42.60 -16.88
CA SER H 105 -4.40 43.44 -16.49
C SER H 105 -5.52 43.40 -17.51
N SER H 106 -5.76 42.23 -18.10
CA SER H 106 -6.79 42.09 -19.12
C SER H 106 -8.05 41.64 -18.39
N ALA H 107 -7.91 41.58 -17.07
CA ALA H 107 -8.99 41.24 -16.15
C ALA H 107 -9.46 42.46 -15.40
N ALA H 108 -9.48 43.60 -16.07
CA ALA H 108 -9.86 44.84 -15.42
C ALA H 108 -11.21 45.30 -15.96
N ASN H 109 -11.64 46.49 -15.55
CA ASN H 109 -12.91 47.06 -15.95
C ASN H 109 -14.10 46.12 -15.72
N GLY H 110 -14.08 44.95 -16.34
CA GLY H 110 -15.02 43.89 -16.00
C GLY H 110 -14.54 43.17 -14.76
N THR H 111 -13.31 43.50 -14.36
CA THR H 111 -12.73 43.12 -13.07
C THR H 111 -12.77 41.64 -12.70
N MET H 112 -13.97 41.13 -12.44
CA MET H 112 -14.16 39.77 -11.96
C MET H 112 -13.92 38.75 -13.06
N GLU H 113 -12.83 37.98 -12.93
CA GLU H 113 -12.45 36.92 -13.86
C GLU H 113 -11.67 37.53 -15.02
N CYS H 114 -10.74 36.77 -15.60
CA CYS H 114 -9.88 37.35 -16.62
C CYS H 114 -10.43 37.06 -18.00
N SER H 115 -9.65 37.41 -19.02
CA SER H 115 -9.96 37.06 -20.39
C SER H 115 -8.72 36.48 -21.05
#